data_3I1A
#
_entry.id   3I1A
#
_cell.length_a   47.410
_cell.length_b   70.695
_cell.length_c   99.307
_cell.angle_alpha   90.00
_cell.angle_beta   95.93
_cell.angle_gamma   90.00
#
_symmetry.space_group_name_H-M   'P 1 21 1'
#
loop_
_entity.id
_entity.type
_entity.pdbx_description
1 polymer 'Spectinomycin phosphotransferase'
2 non-polymer '2-(N-MORPHOLINO)-ETHANESULFONIC ACID'
3 non-polymer 'DIMETHYL SULFOXIDE'
4 non-polymer 'TETRAETHYLENE GLYCOL'
5 water water
#
_entity_poly.entity_id   1
_entity_poly.type   'polypeptide(L)'
_entity_poly.pdbx_seq_one_letter_code
;MLKQPIQAQQLIELLKVHYGIDIHTAQFIQGGADTNAFAYQADSESKSYFIKLKYGYHDEINLSIIRLLHDSGIKEIIFP
IHTLEAKLFQQLKHFKIIAYPFIHAPNGFTQNLTGKQWKQLGKVLRQIHETSVPISIQQQLRKEIYSPKWREIVRSFYNQ
IEFDNSDDKLTAAFKSFFNQNSAAIHRLVDTSEKLSKKIQPDLDKYVLCHSDIHAGNVLVGNEESIYIIDWDEPMLAPKE
RDLMFIGGGVGNVWNKPHEIQYFYEGYGEINVDKTILSYYRHERIVEDIAVYGQDLLSRNQNNQSRLESFKYFKEMFDPN
NVVEIAFATEQLEHHHHHH
;
_entity_poly.pdbx_strand_id   A,B
#
loop_
_chem_comp.id
_chem_comp.type
_chem_comp.name
_chem_comp.formula
DMS non-polymer 'DIMETHYL SULFOXIDE' 'C2 H6 O S'
MES non-polymer '2-(N-MORPHOLINO)-ETHANESULFONIC ACID' 'C6 H13 N O4 S'
PG4 non-polymer 'TETRAETHYLENE GLYCOL' 'C8 H18 O5'
#
# COMPACT_ATOMS: atom_id res chain seq x y z
N LYS A 3 -21.01 -15.12 -28.58
CA LYS A 3 -19.61 -15.26 -29.09
C LYS A 3 -19.37 -16.70 -29.51
N GLN A 4 -20.07 -17.62 -28.84
CA GLN A 4 -19.93 -19.04 -29.10
C GLN A 4 -20.15 -19.38 -30.58
N PRO A 5 -19.31 -20.27 -31.14
CA PRO A 5 -19.42 -20.67 -32.54
C PRO A 5 -20.67 -21.51 -32.83
N ILE A 6 -21.20 -22.15 -31.79
CA ILE A 6 -22.39 -22.99 -31.91
C ILE A 6 -23.24 -22.90 -30.64
N GLN A 7 -24.47 -23.40 -30.73
CA GLN A 7 -25.38 -23.46 -29.59
C GLN A 7 -25.05 -24.81 -28.96
N ALA A 8 -25.03 -24.88 -27.63
CA ALA A 8 -24.67 -26.12 -26.93
C ALA A 8 -25.28 -27.41 -27.48
N GLN A 9 -26.55 -27.36 -27.87
N GLN A 9 -26.55 -27.35 -27.86
CA GLN A 9 -27.21 -28.55 -28.39
CA GLN A 9 -27.26 -28.50 -28.41
C GLN A 9 -26.68 -29.00 -29.74
C GLN A 9 -26.66 -29.00 -29.72
N GLN A 10 -25.93 -28.13 -30.41
CA GLN A 10 -25.33 -28.50 -31.69
C GLN A 10 -24.20 -29.48 -31.40
N LEU A 11 -23.75 -29.52 -30.15
CA LEU A 11 -22.68 -30.45 -29.78
C LEU A 11 -23.14 -31.87 -29.81
N ILE A 12 -24.44 -32.07 -29.61
CA ILE A 12 -24.94 -33.43 -29.65
C ILE A 12 -24.65 -33.99 -31.01
N GLU A 13 -25.06 -33.27 -32.06
CA GLU A 13 -24.81 -33.75 -33.42
C GLU A 13 -23.32 -33.90 -33.70
N LEU A 14 -22.53 -32.90 -33.34
CA LEU A 14 -21.09 -32.96 -33.61
C LEU A 14 -20.35 -34.08 -32.88
N LEU A 15 -20.68 -34.31 -31.61
CA LEU A 15 -20.00 -35.38 -30.92
C LEU A 15 -20.42 -36.74 -31.49
N LYS A 16 -21.67 -36.87 -31.92
CA LYS A 16 -22.07 -38.15 -32.50
C LYS A 16 -21.34 -38.40 -33.81
N VAL A 17 -21.42 -37.42 -34.71
CA VAL A 17 -20.79 -37.52 -36.02
C VAL A 17 -19.28 -37.76 -35.99
N HIS A 18 -18.56 -36.94 -35.25
CA HIS A 18 -17.10 -37.03 -35.22
C HIS A 18 -16.43 -37.91 -34.20
N TYR A 19 -17.15 -38.24 -33.15
CA TYR A 19 -16.60 -39.05 -32.07
C TYR A 19 -17.39 -40.33 -31.81
N GLY A 20 -18.58 -40.41 -32.38
CA GLY A 20 -19.41 -41.58 -32.19
C GLY A 20 -19.97 -41.66 -30.78
N ILE A 21 -20.04 -40.51 -30.12
CA ILE A 21 -20.54 -40.46 -28.76
C ILE A 21 -21.95 -39.88 -28.65
N ASP A 22 -22.82 -40.56 -27.91
N ASP A 22 -22.79 -40.56 -27.87
CA ASP A 22 -24.20 -40.10 -27.71
CA ASP A 22 -24.18 -40.17 -27.65
C ASP A 22 -24.28 -39.29 -26.43
C ASP A 22 -24.27 -39.29 -26.40
N ILE A 23 -24.52 -37.99 -26.59
CA ILE A 23 -24.62 -37.07 -25.47
C ILE A 23 -26.10 -36.75 -25.32
N HIS A 24 -26.58 -36.74 -24.09
CA HIS A 24 -27.99 -36.47 -23.84
C HIS A 24 -28.18 -35.08 -23.27
N THR A 25 -27.10 -34.44 -22.86
N THR A 25 -27.10 -34.46 -22.85
CA THR A 25 -27.20 -33.10 -22.32
CA THR A 25 -27.16 -33.13 -22.26
C THR A 25 -25.86 -32.37 -22.42
C THR A 25 -25.84 -32.37 -22.41
N ALA A 26 -25.91 -31.14 -22.91
CA ALA A 26 -24.71 -30.31 -23.07
C ALA A 26 -24.98 -28.92 -22.52
N GLN A 27 -24.02 -28.37 -21.80
CA GLN A 27 -24.21 -27.06 -21.21
C GLN A 27 -22.93 -26.21 -21.26
N PHE A 28 -23.09 -24.94 -21.62
CA PHE A 28 -21.94 -24.03 -21.69
C PHE A 28 -21.40 -23.80 -20.29
N ILE A 29 -20.08 -23.81 -20.14
CA ILE A 29 -19.42 -23.59 -18.85
C ILE A 29 -18.90 -22.16 -18.82
N GLN A 30 -19.52 -21.31 -18.01
CA GLN A 30 -19.13 -19.91 -17.92
C GLN A 30 -17.73 -19.66 -17.38
N GLY A 31 -17.04 -18.71 -18.00
CA GLY A 31 -15.70 -18.35 -17.58
C GLY A 31 -14.70 -19.48 -17.42
N GLY A 32 -15.12 -20.69 -17.74
CA GLY A 32 -14.22 -21.82 -17.62
C GLY A 32 -12.99 -21.68 -18.50
N ALA A 33 -13.21 -21.35 -19.77
CA ALA A 33 -12.13 -21.17 -20.73
C ALA A 33 -11.58 -19.75 -20.70
N ASP A 34 -10.48 -19.52 -21.41
CA ASP A 34 -9.87 -18.20 -21.45
C ASP A 34 -9.40 -17.80 -22.83
N THR A 35 -9.50 -16.51 -23.14
CA THR A 35 -9.09 -16.03 -24.45
C THR A 35 -9.95 -16.64 -25.54
N ASN A 36 -9.31 -17.22 -26.54
CA ASN A 36 -10.04 -17.86 -27.63
C ASN A 36 -10.40 -19.29 -27.26
N ALA A 37 -11.46 -19.46 -26.50
CA ALA A 37 -11.90 -20.79 -26.09
C ALA A 37 -13.25 -20.77 -25.41
N PHE A 38 -14.05 -21.79 -25.70
CA PHE A 38 -15.37 -21.93 -25.10
C PHE A 38 -15.46 -23.36 -24.58
N ALA A 39 -15.75 -23.49 -23.28
CA ALA A 39 -15.83 -24.81 -22.66
C ALA A 39 -17.27 -25.22 -22.41
N TYR A 40 -17.52 -26.52 -22.55
CA TYR A 40 -18.85 -27.07 -22.37
C TYR A 40 -18.77 -28.39 -21.63
N GLN A 41 -19.84 -28.72 -20.92
CA GLN A 41 -19.93 -30.02 -20.25
C GLN A 41 -20.97 -30.80 -21.04
N ALA A 42 -20.56 -31.95 -21.57
CA ALA A 42 -21.46 -32.78 -22.35
C ALA A 42 -21.46 -34.18 -21.72
N ASP A 43 -22.65 -34.64 -21.34
CA ASP A 43 -22.77 -35.95 -20.67
C ASP A 43 -23.41 -37.06 -21.48
N SER A 44 -22.78 -38.24 -21.43
CA SER A 44 -23.29 -39.43 -22.10
C SER A 44 -23.93 -40.21 -20.96
N GLU A 45 -24.93 -41.01 -21.27
CA GLU A 45 -25.60 -41.80 -20.23
C GLU A 45 -24.57 -42.63 -19.47
N SER A 46 -23.38 -42.76 -20.05
CA SER A 46 -22.30 -43.56 -19.47
C SER A 46 -21.22 -42.72 -18.80
N LYS A 47 -20.93 -41.54 -19.34
CA LYS A 47 -19.89 -40.67 -18.78
C LYS A 47 -20.19 -39.18 -18.92
N SER A 48 -19.19 -38.35 -18.58
CA SER A 48 -19.30 -36.91 -18.69
C SER A 48 -18.09 -36.41 -19.47
N TYR A 49 -18.29 -35.44 -20.35
CA TYR A 49 -17.20 -34.91 -21.16
C TYR A 49 -17.01 -33.41 -21.06
N PHE A 50 -15.76 -32.99 -21.18
CA PHE A 50 -15.38 -31.58 -21.16
C PHE A 50 -14.97 -31.25 -22.58
N ILE A 51 -15.72 -30.35 -23.21
CA ILE A 51 -15.45 -29.98 -24.58
C ILE A 51 -14.93 -28.56 -24.72
N LYS A 52 -13.89 -28.40 -25.55
CA LYS A 52 -13.31 -27.09 -25.80
C LYS A 52 -13.37 -26.75 -27.28
N LEU A 53 -13.94 -25.59 -27.59
CA LEU A 53 -14.02 -25.13 -28.96
C LEU A 53 -13.09 -23.93 -29.10
N LYS A 54 -12.29 -23.92 -30.15
CA LYS A 54 -11.38 -22.82 -30.42
C LYS A 54 -11.52 -22.41 -31.89
N TYR A 55 -11.65 -21.12 -32.12
CA TYR A 55 -11.78 -20.61 -33.46
C TYR A 55 -10.50 -20.81 -34.26
N GLY A 56 -10.61 -20.94 -35.58
CA GLY A 56 -9.43 -21.09 -36.40
C GLY A 56 -9.07 -22.45 -36.95
N TYR A 57 -8.22 -22.45 -37.97
CA TYR A 57 -7.77 -23.67 -38.59
C TYR A 57 -6.23 -23.78 -38.60
N HIS A 58 -5.59 -22.90 -37.84
N HIS A 58 -5.60 -22.92 -37.80
CA HIS A 58 -4.13 -22.93 -37.75
CA HIS A 58 -4.14 -22.93 -37.69
C HIS A 58 -3.70 -23.95 -36.67
C HIS A 58 -3.72 -23.97 -36.67
N ASP A 59 -2.48 -24.44 -36.77
CA ASP A 59 -1.95 -25.44 -35.82
C ASP A 59 -1.73 -24.88 -34.44
N GLU A 60 -2.41 -25.46 -33.45
CA GLU A 60 -2.26 -25.01 -32.07
C GLU A 60 -1.03 -25.75 -31.52
N ILE A 61 -0.08 -25.02 -30.97
CA ILE A 61 1.11 -25.71 -30.47
C ILE A 61 0.73 -26.75 -29.41
N ASN A 62 -0.26 -26.45 -28.58
CA ASN A 62 -0.70 -27.40 -27.56
C ASN A 62 -1.02 -28.76 -28.18
N LEU A 63 -1.80 -28.76 -29.26
CA LEU A 63 -2.19 -30.02 -29.88
C LEU A 63 -1.02 -30.74 -30.54
N SER A 64 -0.10 -29.97 -31.13
N SER A 64 -0.12 -29.96 -31.13
CA SER A 64 1.06 -30.57 -31.77
CA SER A 64 1.06 -30.55 -31.77
C SER A 64 1.93 -31.27 -30.73
C SER A 64 1.95 -31.25 -30.74
N ILE A 65 2.16 -30.60 -29.61
CA ILE A 65 2.99 -31.19 -28.56
C ILE A 65 2.31 -32.35 -27.85
N ILE A 66 1.00 -32.22 -27.61
CA ILE A 66 0.23 -33.28 -26.95
C ILE A 66 0.31 -34.52 -27.82
N ARG A 67 0.20 -34.34 -29.13
CA ARG A 67 0.28 -35.47 -30.06
C ARG A 67 1.69 -36.08 -30.02
N LEU A 68 2.72 -35.25 -30.05
CA LEU A 68 4.08 -35.77 -30.01
C LEU A 68 4.32 -36.59 -28.73
N LEU A 69 3.87 -36.09 -27.58
CA LEU A 69 4.04 -36.84 -26.34
C LEU A 69 3.20 -38.13 -26.37
N HIS A 70 2.00 -38.04 -26.93
CA HIS A 70 1.12 -39.19 -27.02
C HIS A 70 1.78 -40.31 -27.80
N ASP A 71 2.25 -39.98 -29.01
CA ASP A 71 2.91 -40.97 -29.88
C ASP A 71 4.24 -41.43 -29.32
N SER A 72 4.84 -40.58 -28.49
N SER A 72 4.86 -40.58 -28.49
CA SER A 72 6.14 -40.86 -27.87
CA SER A 72 6.16 -40.91 -27.90
C SER A 72 5.98 -41.79 -26.68
C SER A 72 5.99 -41.84 -26.70
N GLY A 73 4.73 -42.08 -26.31
CA GLY A 73 4.48 -42.97 -25.19
C GLY A 73 4.31 -42.39 -23.79
N ILE A 74 4.47 -41.08 -23.60
CA ILE A 74 4.29 -40.49 -22.27
C ILE A 74 2.85 -40.80 -21.84
N LYS A 75 2.69 -41.36 -20.66
CA LYS A 75 1.36 -41.74 -20.20
C LYS A 75 0.68 -40.75 -19.27
N GLU A 76 1.48 -39.97 -18.54
CA GLU A 76 0.98 -39.03 -17.53
C GLU A 76 0.43 -37.71 -18.01
N ILE A 77 -0.42 -37.78 -19.03
N ILE A 77 -0.43 -37.78 -19.02
CA ILE A 77 -1.08 -36.62 -19.62
CA ILE A 77 -1.07 -36.61 -19.62
C ILE A 77 -2.58 -36.94 -19.76
C ILE A 77 -2.56 -36.93 -19.78
N ILE A 78 -3.43 -35.94 -19.57
CA ILE A 78 -4.85 -36.18 -19.74
C ILE A 78 -5.03 -35.85 -21.21
N PHE A 79 -5.02 -36.89 -22.04
CA PHE A 79 -5.14 -36.73 -23.50
C PHE A 79 -6.58 -36.56 -23.96
N PRO A 80 -6.75 -35.87 -25.09
CA PRO A 80 -8.09 -35.66 -25.65
C PRO A 80 -8.65 -37.01 -26.04
N ILE A 81 -9.97 -37.08 -26.13
CA ILE A 81 -10.63 -38.29 -26.60
C ILE A 81 -10.35 -38.30 -28.11
N HIS A 82 -10.03 -39.46 -28.68
CA HIS A 82 -9.76 -39.55 -30.11
C HIS A 82 -11.02 -39.42 -30.95
N THR A 83 -10.92 -38.77 -32.11
CA THR A 83 -12.05 -38.67 -33.02
C THR A 83 -12.14 -40.05 -33.67
N LEU A 84 -13.17 -40.30 -34.46
CA LEU A 84 -13.31 -41.60 -35.10
C LEU A 84 -12.17 -41.86 -36.09
N GLU A 85 -11.55 -40.79 -36.59
CA GLU A 85 -10.43 -40.90 -37.53
C GLU A 85 -9.12 -40.99 -36.73
N ALA A 86 -9.25 -41.21 -35.43
CA ALA A 86 -8.11 -41.34 -34.53
C ALA A 86 -7.25 -40.08 -34.39
N LYS A 87 -7.87 -38.91 -34.52
CA LYS A 87 -7.18 -37.62 -34.37
C LYS A 87 -7.50 -37.07 -32.98
N LEU A 88 -6.61 -36.23 -32.42
CA LEU A 88 -6.81 -35.66 -31.09
C LEU A 88 -7.73 -34.44 -31.06
N PHE A 89 -8.26 -34.06 -32.22
CA PHE A 89 -9.18 -32.94 -32.28
C PHE A 89 -9.85 -32.96 -33.64
N GLN A 90 -11.05 -32.38 -33.72
CA GLN A 90 -11.79 -32.32 -34.97
C GLN A 90 -11.72 -30.91 -35.56
N GLN A 91 -11.16 -30.80 -36.75
CA GLN A 91 -11.08 -29.48 -37.39
C GLN A 91 -12.33 -29.26 -38.22
N LEU A 92 -13.09 -28.21 -37.92
CA LEU A 92 -14.26 -27.95 -38.73
C LEU A 92 -13.90 -26.76 -39.60
N LYS A 93 -14.86 -26.26 -40.35
CA LYS A 93 -14.56 -25.16 -41.25
C LYS A 93 -13.92 -23.94 -40.61
N HIS A 94 -14.53 -23.44 -39.54
CA HIS A 94 -13.98 -22.24 -38.94
C HIS A 94 -13.58 -22.37 -37.48
N PHE A 95 -13.68 -23.57 -36.92
CA PHE A 95 -13.28 -23.78 -35.53
C PHE A 95 -12.92 -25.24 -35.31
N LYS A 96 -12.30 -25.49 -34.16
CA LYS A 96 -11.85 -26.82 -33.76
C LYS A 96 -12.61 -27.29 -32.53
N ILE A 97 -12.79 -28.62 -32.42
CA ILE A 97 -13.43 -29.23 -31.24
C ILE A 97 -12.35 -30.09 -30.59
N ILE A 98 -12.16 -29.97 -29.28
CA ILE A 98 -11.19 -30.80 -28.56
C ILE A 98 -12.01 -31.41 -27.46
N ALA A 99 -12.13 -32.73 -27.45
CA ALA A 99 -12.94 -33.38 -26.43
C ALA A 99 -12.09 -34.13 -25.41
N TYR A 100 -12.46 -33.98 -24.14
CA TYR A 100 -11.79 -34.65 -23.01
C TYR A 100 -12.76 -35.28 -22.05
N PRO A 101 -12.31 -36.30 -21.32
CA PRO A 101 -13.22 -36.91 -20.36
C PRO A 101 -13.31 -35.84 -19.26
N PHE A 102 -14.48 -35.65 -18.66
CA PHE A 102 -14.65 -34.64 -17.59
C PHE A 102 -14.14 -35.24 -16.29
N ILE A 103 -12.89 -34.94 -15.94
N ILE A 103 -12.90 -34.94 -15.93
CA ILE A 103 -12.25 -35.47 -14.75
CA ILE A 103 -12.35 -35.48 -14.71
C ILE A 103 -11.95 -34.47 -13.65
C ILE A 103 -12.06 -34.46 -13.64
N HIS A 104 -12.05 -34.91 -12.40
CA HIS A 104 -11.73 -34.07 -11.28
C HIS A 104 -10.58 -34.80 -10.65
N ALA A 105 -9.53 -34.05 -10.37
CA ALA A 105 -8.36 -34.58 -9.72
C ALA A 105 -7.79 -33.41 -8.96
N PRO A 106 -7.37 -33.66 -7.72
CA PRO A 106 -6.79 -32.56 -6.93
C PRO A 106 -5.37 -32.28 -7.44
N ASN A 107 -4.92 -31.04 -7.34
CA ASN A 107 -3.56 -30.74 -7.78
C ASN A 107 -2.58 -30.83 -6.61
N GLY A 108 -1.30 -30.59 -6.89
CA GLY A 108 -0.25 -30.69 -5.89
C GLY A 108 -0.31 -29.72 -4.73
N PHE A 109 -1.10 -28.66 -4.87
CA PHE A 109 -1.29 -27.70 -3.79
C PHE A 109 -2.25 -28.42 -2.83
N THR A 110 -3.38 -28.80 -3.39
CA THR A 110 -4.48 -29.47 -2.66
C THR A 110 -4.08 -30.75 -1.96
N GLN A 111 -3.39 -31.61 -2.69
CA GLN A 111 -2.94 -32.89 -2.16
C GLN A 111 -1.45 -33.07 -2.44
N ASN A 112 -0.64 -32.99 -1.40
CA ASN A 112 0.81 -33.15 -1.59
C ASN A 112 1.19 -34.50 -2.17
N LEU A 113 2.17 -34.49 -3.06
CA LEU A 113 2.64 -35.72 -3.69
C LEU A 113 3.29 -36.69 -2.72
N THR A 114 3.05 -37.99 -2.94
CA THR A 114 3.66 -39.02 -2.12
C THR A 114 5.10 -39.20 -2.66
N GLY A 115 5.94 -39.93 -1.94
CA GLY A 115 7.30 -40.15 -2.42
C GLY A 115 7.26 -40.85 -3.76
N LYS A 116 6.37 -41.82 -3.89
CA LYS A 116 6.23 -42.58 -5.13
C LYS A 116 5.86 -41.64 -6.28
N GLN A 117 4.94 -40.71 -6.02
CA GLN A 117 4.53 -39.74 -7.04
C GLN A 117 5.65 -38.75 -7.37
N TRP A 118 6.50 -38.42 -6.41
CA TRP A 118 7.60 -37.49 -6.70
C TRP A 118 8.55 -38.20 -7.66
N LYS A 119 8.79 -39.49 -7.42
CA LYS A 119 9.66 -40.26 -8.30
C LYS A 119 9.08 -40.34 -9.71
N GLN A 120 7.76 -40.60 -9.79
CA GLN A 120 7.06 -40.70 -11.08
C GLN A 120 7.16 -39.35 -11.81
N LEU A 121 7.03 -38.24 -11.07
CA LEU A 121 7.13 -36.93 -11.70
C LEU A 121 8.53 -36.75 -12.29
N GLY A 122 9.55 -37.18 -11.54
CA GLY A 122 10.91 -37.09 -12.04
C GLY A 122 11.08 -37.94 -13.29
N LYS A 123 10.55 -39.16 -13.26
CA LYS A 123 10.64 -40.06 -14.43
C LYS A 123 9.97 -39.45 -15.68
N VAL A 124 8.77 -38.88 -15.49
CA VAL A 124 8.03 -38.30 -16.60
C VAL A 124 8.66 -37.03 -17.15
N LEU A 125 9.14 -36.17 -16.28
CA LEU A 125 9.75 -34.95 -16.76
C LEU A 125 11.05 -35.31 -17.48
N ARG A 126 11.76 -36.35 -17.05
CA ARG A 126 12.98 -36.72 -17.78
C ARG A 126 12.57 -37.24 -19.16
N GLN A 127 11.47 -37.99 -19.24
CA GLN A 127 10.97 -38.52 -20.51
C GLN A 127 10.67 -37.39 -21.47
N ILE A 128 10.05 -36.34 -20.95
CA ILE A 128 9.69 -35.18 -21.75
C ILE A 128 10.95 -34.48 -22.24
N HIS A 129 11.89 -34.24 -21.33
CA HIS A 129 13.11 -33.56 -21.74
C HIS A 129 13.94 -34.36 -22.74
N GLU A 130 13.80 -35.68 -22.76
N GLU A 130 13.76 -35.68 -22.72
CA GLU A 130 14.58 -36.44 -23.71
CA GLU A 130 14.45 -36.64 -23.60
C GLU A 130 13.85 -36.70 -25.01
C GLU A 130 13.71 -36.93 -24.90
N THR A 131 12.60 -36.24 -25.11
CA THR A 131 11.81 -36.45 -26.31
C THR A 131 12.39 -35.74 -27.52
N SER A 132 12.60 -36.50 -28.60
N SER A 132 12.60 -36.50 -28.60
CA SER A 132 13.14 -35.93 -29.82
CA SER A 132 13.13 -35.94 -29.84
C SER A 132 12.06 -35.08 -30.48
C SER A 132 12.05 -35.09 -30.48
N VAL A 133 12.39 -33.83 -30.79
CA VAL A 133 11.43 -32.94 -31.41
C VAL A 133 11.70 -32.80 -32.91
N PRO A 134 10.71 -33.19 -33.75
CA PRO A 134 10.90 -33.08 -35.19
C PRO A 134 11.15 -31.61 -35.55
N ILE A 135 11.98 -31.37 -36.57
CA ILE A 135 12.28 -30.01 -36.93
C ILE A 135 11.03 -29.18 -37.21
N SER A 136 10.02 -29.77 -37.84
CA SER A 136 8.78 -29.04 -38.16
C SER A 136 8.16 -28.48 -36.89
N ILE A 137 8.23 -29.27 -35.83
CA ILE A 137 7.68 -28.82 -34.55
C ILE A 137 8.64 -27.86 -33.84
N GLN A 138 9.94 -28.07 -33.98
CA GLN A 138 10.91 -27.14 -33.36
C GLN A 138 10.66 -25.72 -33.88
N GLN A 139 10.28 -25.63 -35.16
CA GLN A 139 10.04 -24.33 -35.80
C GLN A 139 8.79 -23.66 -35.25
N GLN A 140 7.92 -24.45 -34.62
CA GLN A 140 6.68 -23.95 -34.03
C GLN A 140 6.83 -23.60 -32.55
N LEU A 141 7.90 -24.05 -31.91
CA LEU A 141 8.12 -23.78 -30.49
C LEU A 141 8.88 -22.49 -30.23
N ARG A 142 8.46 -21.76 -29.21
CA ARG A 142 9.16 -20.55 -28.85
C ARG A 142 10.48 -21.00 -28.23
N LYS A 143 11.51 -20.20 -28.45
CA LYS A 143 12.85 -20.50 -27.94
C LYS A 143 13.23 -19.57 -26.80
N GLU A 144 13.97 -20.08 -25.83
CA GLU A 144 14.44 -19.23 -24.74
C GLU A 144 15.43 -18.25 -25.36
N ILE A 145 15.19 -16.95 -25.16
CA ILE A 145 16.13 -15.93 -25.67
C ILE A 145 16.63 -14.97 -24.58
N TYR A 146 16.34 -15.31 -23.32
CA TYR A 146 16.76 -14.52 -22.17
C TYR A 146 16.33 -13.06 -22.29
N SER A 147 15.11 -12.87 -22.75
CA SER A 147 14.57 -11.53 -22.95
C SER A 147 14.63 -10.68 -21.69
N PRO A 148 15.02 -9.41 -21.87
CA PRO A 148 15.13 -8.45 -20.76
C PRO A 148 13.80 -7.70 -20.56
N LYS A 149 12.78 -8.04 -21.34
CA LYS A 149 11.47 -7.37 -21.27
C LYS A 149 10.96 -7.09 -19.86
N TRP A 150 10.87 -8.14 -19.06
CA TRP A 150 10.36 -8.03 -17.69
C TRP A 150 11.30 -7.29 -16.77
N ARG A 151 12.60 -7.52 -16.91
CA ARG A 151 13.53 -6.81 -16.07
C ARG A 151 13.39 -5.31 -16.32
N GLU A 152 13.20 -4.93 -17.57
CA GLU A 152 13.05 -3.52 -17.91
C GLU A 152 11.78 -2.95 -17.29
N ILE A 153 10.69 -3.68 -17.36
CA ILE A 153 9.43 -3.22 -16.78
C ILE A 153 9.56 -2.99 -15.30
N VAL A 154 10.21 -3.90 -14.58
CA VAL A 154 10.34 -3.68 -13.15
C VAL A 154 11.21 -2.45 -12.89
N ARG A 155 12.21 -2.19 -13.73
CA ARG A 155 13.02 -1.01 -13.50
C ARG A 155 12.19 0.24 -13.73
N SER A 156 11.24 0.17 -14.67
CA SER A 156 10.41 1.34 -14.93
C SER A 156 9.56 1.68 -13.70
N PHE A 157 9.37 0.70 -12.81
CA PHE A 157 8.58 0.95 -11.58
C PHE A 157 9.33 1.80 -10.57
N TYR A 158 10.66 1.68 -10.55
CA TYR A 158 11.48 2.39 -9.58
C TYR A 158 11.08 3.83 -9.30
N ASN A 159 10.94 4.61 -10.36
CA ASN A 159 10.59 6.01 -10.17
C ASN A 159 9.12 6.25 -9.85
N GLN A 160 8.27 5.27 -10.14
CA GLN A 160 6.84 5.40 -9.86
C GLN A 160 6.48 5.15 -8.39
N ILE A 161 7.40 4.59 -7.62
CA ILE A 161 7.14 4.30 -6.22
C ILE A 161 7.01 5.58 -5.38
N GLU A 162 7.27 6.72 -6.01
N GLU A 162 7.32 6.73 -5.98
CA GLU A 162 7.21 8.03 -5.34
CA GLU A 162 7.25 7.98 -5.23
C GLU A 162 5.79 8.43 -4.95
C GLU A 162 5.81 8.39 -4.91
N PHE A 163 5.69 9.18 -3.86
CA PHE A 163 4.40 9.66 -3.41
C PHE A 163 3.65 10.35 -4.55
N ASP A 164 2.35 10.05 -4.63
CA ASP A 164 1.48 10.62 -5.65
C ASP A 164 0.13 10.84 -4.94
N ASN A 165 -0.28 12.09 -4.84
N ASN A 165 -0.29 12.10 -4.83
CA ASN A 165 -1.53 12.45 -4.19
CA ASN A 165 -1.53 12.41 -4.15
C ASN A 165 -2.77 11.80 -4.80
C ASN A 165 -2.77 11.77 -4.78
N SER A 166 -2.66 11.32 -6.03
CA SER A 166 -3.79 10.70 -6.69
C SER A 166 -3.86 9.19 -6.54
N ASP A 167 -2.90 8.59 -5.82
CA ASP A 167 -2.90 7.13 -5.65
C ASP A 167 -4.14 6.69 -4.84
N ASP A 168 -4.73 5.56 -5.21
CA ASP A 168 -5.84 5.05 -4.42
C ASP A 168 -5.27 4.15 -3.30
N LYS A 169 -6.15 3.58 -2.48
CA LYS A 169 -5.72 2.75 -1.36
C LYS A 169 -4.80 1.61 -1.73
N LEU A 170 -5.18 0.85 -2.75
CA LEU A 170 -4.35 -0.28 -3.15
C LEU A 170 -3.00 0.15 -3.71
N THR A 171 -2.99 1.18 -4.54
CA THR A 171 -1.72 1.66 -5.09
C THR A 171 -0.79 2.14 -4.00
N ALA A 172 -1.33 2.87 -3.02
CA ALA A 172 -0.49 3.37 -1.93
C ALA A 172 0.05 2.23 -1.06
N ALA A 173 -0.77 1.21 -0.82
CA ALA A 173 -0.35 0.07 0.00
C ALA A 173 0.77 -0.69 -0.74
N PHE A 174 0.61 -0.82 -2.05
CA PHE A 174 1.59 -1.51 -2.88
C PHE A 174 2.93 -0.77 -2.90
N LYS A 175 2.89 0.55 -3.05
CA LYS A 175 4.12 1.33 -3.03
C LYS A 175 4.85 1.21 -1.69
N SER A 176 4.08 1.20 -0.60
N SER A 176 4.10 1.21 -0.59
CA SER A 176 4.65 1.06 0.73
CA SER A 176 4.75 1.09 0.71
C SER A 176 5.37 -0.28 0.87
C SER A 176 5.40 -0.29 0.87
N PHE A 177 4.71 -1.33 0.39
CA PHE A 177 5.27 -2.68 0.46
C PHE A 177 6.51 -2.78 -0.42
N PHE A 178 6.44 -2.19 -1.61
CA PHE A 178 7.57 -2.21 -2.56
C PHE A 178 8.76 -1.51 -1.90
N ASN A 179 8.49 -0.33 -1.38
CA ASN A 179 9.54 0.42 -0.74
C ASN A 179 10.14 -0.39 0.44
N GLN A 180 9.30 -1.05 1.24
CA GLN A 180 9.80 -1.82 2.38
C GLN A 180 10.63 -3.04 1.95
N ASN A 181 10.40 -3.51 0.73
CA ASN A 181 11.11 -4.68 0.21
C ASN A 181 11.95 -4.30 -1.02
N SER A 182 12.37 -3.04 -1.07
CA SER A 182 13.14 -2.53 -2.21
C SER A 182 14.45 -3.24 -2.46
N ALA A 183 15.17 -3.54 -1.38
CA ALA A 183 16.47 -4.23 -1.48
C ALA A 183 16.30 -5.60 -2.13
N ALA A 184 15.27 -6.32 -1.71
CA ALA A 184 15.02 -7.65 -2.26
C ALA A 184 14.58 -7.52 -3.72
N ILE A 185 13.80 -6.50 -4.05
CA ILE A 185 13.32 -6.36 -5.42
C ILE A 185 14.44 -6.03 -6.42
N HIS A 186 15.33 -5.14 -6.00
CA HIS A 186 16.43 -4.78 -6.88
C HIS A 186 17.35 -6.00 -7.02
N ARG A 187 17.53 -6.74 -5.93
CA ARG A 187 18.40 -7.92 -5.98
C ARG A 187 17.85 -8.98 -6.96
N LEU A 188 16.52 -9.17 -6.96
CA LEU A 188 15.93 -10.14 -7.89
C LEU A 188 16.22 -9.71 -9.32
N VAL A 189 16.01 -8.44 -9.63
CA VAL A 189 16.23 -7.92 -10.98
C VAL A 189 17.71 -7.94 -11.39
N ASP A 190 18.56 -7.45 -10.51
CA ASP A 190 19.98 -7.37 -10.79
C ASP A 190 20.63 -8.73 -10.85
N THR A 191 20.08 -9.70 -10.12
CA THR A 191 20.66 -11.04 -10.16
C THR A 191 20.24 -11.73 -11.43
N SER A 192 18.97 -11.56 -11.82
CA SER A 192 18.50 -12.14 -13.07
C SER A 192 19.33 -11.56 -14.21
N GLU A 193 19.56 -10.24 -14.19
N GLU A 193 19.56 -10.25 -14.19
CA GLU A 193 20.34 -9.57 -15.25
CA GLU A 193 20.35 -9.64 -15.25
C GLU A 193 21.79 -10.08 -15.28
C GLU A 193 21.77 -10.22 -15.26
N LYS A 194 22.45 -10.14 -14.13
CA LYS A 194 23.83 -10.63 -14.03
C LYS A 194 23.96 -12.08 -14.52
N LEU A 195 23.01 -12.91 -14.12
CA LEU A 195 23.06 -14.31 -14.52
C LEU A 195 22.78 -14.44 -16.01
N SER A 196 21.92 -13.60 -16.58
CA SER A 196 21.65 -13.72 -18.00
C SER A 196 22.90 -13.42 -18.81
N LYS A 197 23.72 -12.49 -18.30
CA LYS A 197 24.94 -12.09 -18.99
C LYS A 197 26.02 -13.18 -18.94
N LYS A 198 26.00 -13.99 -17.90
CA LYS A 198 26.97 -15.04 -17.69
C LYS A 198 26.62 -16.33 -18.44
N ILE A 199 25.36 -16.46 -18.83
CA ILE A 199 24.92 -17.67 -19.52
C ILE A 199 25.18 -17.59 -21.02
N GLN A 200 25.93 -18.54 -21.55
CA GLN A 200 26.21 -18.57 -22.99
C GLN A 200 25.17 -19.49 -23.63
N PRO A 201 24.17 -18.93 -24.34
CA PRO A 201 23.14 -19.76 -24.97
C PRO A 201 23.73 -20.87 -25.84
N ASP A 202 23.23 -22.08 -25.66
CA ASP A 202 23.64 -23.23 -26.45
C ASP A 202 22.40 -23.97 -26.86
N LEU A 203 21.90 -23.63 -28.05
CA LEU A 203 20.68 -24.22 -28.60
C LEU A 203 20.75 -25.75 -28.67
N ASP A 204 21.96 -26.28 -28.75
CA ASP A 204 22.14 -27.73 -28.82
C ASP A 204 21.77 -28.39 -27.50
N LYS A 205 21.69 -27.61 -26.43
CA LYS A 205 21.33 -28.16 -25.13
C LYS A 205 19.89 -27.82 -24.74
N TYR A 206 19.13 -27.22 -25.65
CA TYR A 206 17.74 -26.93 -25.34
C TYR A 206 16.93 -28.22 -25.46
N VAL A 207 15.88 -28.34 -24.66
CA VAL A 207 15.04 -29.52 -24.69
C VAL A 207 13.59 -29.05 -24.63
N LEU A 208 12.66 -29.95 -24.89
CA LEU A 208 11.25 -29.61 -24.82
C LEU A 208 10.92 -29.42 -23.34
N CYS A 209 10.42 -28.24 -22.98
CA CYS A 209 10.09 -27.88 -21.60
C CYS A 209 8.64 -27.50 -21.45
N HIS A 210 8.08 -27.84 -20.29
CA HIS A 210 6.71 -27.45 -20.00
C HIS A 210 6.69 -25.90 -19.82
N SER A 211 7.67 -25.40 -19.05
CA SER A 211 7.90 -23.97 -18.76
C SER A 211 7.22 -23.35 -17.52
N ASP A 212 6.25 -24.05 -16.95
CA ASP A 212 5.55 -23.50 -15.80
C ASP A 212 5.01 -24.67 -14.98
N ILE A 213 5.91 -25.62 -14.71
CA ILE A 213 5.50 -26.81 -14.00
C ILE A 213 5.60 -26.75 -12.49
N HIS A 214 4.65 -25.99 -11.92
CA HIS A 214 4.53 -25.84 -10.48
C HIS A 214 3.44 -26.80 -9.99
N ALA A 215 3.24 -26.85 -8.67
CA ALA A 215 2.29 -27.80 -8.08
C ALA A 215 0.88 -27.72 -8.59
N GLY A 216 0.47 -26.54 -9.05
CA GLY A 216 -0.86 -26.39 -9.58
C GLY A 216 -1.05 -27.12 -10.89
N ASN A 217 0.05 -27.44 -11.56
CA ASN A 217 -0.03 -28.13 -12.85
C ASN A 217 0.22 -29.63 -12.83
N VAL A 218 0.20 -30.20 -11.63
CA VAL A 218 0.30 -31.63 -11.49
C VAL A 218 -0.98 -32.08 -10.80
N LEU A 219 -1.71 -33.02 -11.40
CA LEU A 219 -2.92 -33.54 -10.78
C LEU A 219 -2.64 -34.96 -10.34
N VAL A 220 -3.27 -35.38 -9.26
CA VAL A 220 -3.09 -36.76 -8.77
C VAL A 220 -4.40 -37.42 -9.10
N GLY A 221 -4.38 -38.34 -10.06
CA GLY A 221 -5.64 -38.93 -10.46
C GLY A 221 -5.85 -40.40 -10.25
N ASN A 222 -6.45 -41.02 -11.27
CA ASN A 222 -6.75 -42.44 -11.26
C ASN A 222 -5.53 -43.29 -11.00
N GLU A 223 -5.71 -44.28 -10.14
CA GLU A 223 -4.61 -45.17 -9.79
C GLU A 223 -3.54 -44.46 -9.00
N GLU A 224 -3.85 -43.27 -8.49
CA GLU A 224 -2.87 -42.52 -7.72
C GLU A 224 -1.69 -42.12 -8.63
N SER A 225 -1.91 -42.12 -9.93
CA SER A 225 -0.88 -41.71 -10.88
C SER A 225 -0.95 -40.19 -10.99
N ILE A 226 0.14 -39.57 -11.37
CA ILE A 226 0.16 -38.11 -11.57
C ILE A 226 -0.16 -37.78 -13.04
N TYR A 227 -0.57 -36.53 -13.29
CA TYR A 227 -0.85 -36.05 -14.64
C TYR A 227 -0.31 -34.64 -14.69
N ILE A 228 0.42 -34.32 -15.76
CA ILE A 228 0.95 -32.97 -15.91
C ILE A 228 0.00 -32.21 -16.84
N ILE A 229 -0.50 -31.07 -16.39
CA ILE A 229 -1.45 -30.30 -17.18
C ILE A 229 -0.92 -28.93 -17.61
N ASP A 230 -1.73 -28.26 -18.43
CA ASP A 230 -1.47 -26.95 -19.02
C ASP A 230 -0.31 -26.95 -19.99
N TRP A 231 -0.56 -27.51 -21.16
CA TRP A 231 0.43 -27.62 -22.21
C TRP A 231 0.20 -26.55 -23.27
N ASP A 232 -0.32 -25.40 -22.83
CA ASP A 232 -0.62 -24.30 -23.76
C ASP A 232 0.60 -23.54 -24.29
N GLU A 233 1.64 -23.45 -23.48
CA GLU A 233 2.81 -22.72 -23.93
C GLU A 233 4.15 -23.40 -23.65
N PRO A 234 4.37 -24.60 -24.23
CA PRO A 234 5.64 -25.30 -24.01
C PRO A 234 6.72 -24.51 -24.75
N MET A 235 7.98 -24.94 -24.66
CA MET A 235 9.07 -24.21 -25.32
C MET A 235 10.35 -25.04 -25.39
N LEU A 236 11.35 -24.54 -26.10
CA LEU A 236 12.64 -25.21 -26.17
C LEU A 236 13.53 -24.32 -25.31
N ALA A 237 14.16 -24.91 -24.30
CA ALA A 237 15.00 -24.13 -23.41
C ALA A 237 15.83 -25.12 -22.61
N PRO A 238 16.80 -24.63 -21.83
CA PRO A 238 17.64 -25.50 -21.01
C PRO A 238 16.68 -26.21 -20.04
N LYS A 239 17.01 -27.45 -19.69
CA LYS A 239 16.17 -28.25 -18.80
C LYS A 239 15.86 -27.53 -17.49
N GLU A 240 16.76 -26.63 -17.08
CA GLU A 240 16.56 -25.91 -15.83
C GLU A 240 15.29 -25.04 -15.83
N ARG A 241 14.76 -24.74 -17.00
CA ARG A 241 13.50 -23.99 -17.14
C ARG A 241 12.42 -24.74 -16.35
N ASP A 242 12.46 -26.07 -16.41
CA ASP A 242 11.51 -26.87 -15.66
C ASP A 242 12.06 -27.31 -14.28
N LEU A 243 13.34 -27.64 -14.22
CA LEU A 243 13.87 -28.11 -12.95
C LEU A 243 13.83 -27.09 -11.81
N MET A 244 13.79 -25.81 -12.14
CA MET A 244 13.77 -24.76 -11.13
C MET A 244 12.57 -24.87 -10.20
N PHE A 245 11.51 -25.53 -10.66
CA PHE A 245 10.31 -25.67 -9.85
C PHE A 245 10.46 -26.71 -8.74
N ILE A 246 11.36 -27.68 -8.91
CA ILE A 246 11.54 -28.72 -7.89
C ILE A 246 12.30 -28.06 -6.76
N GLY A 247 11.63 -27.88 -5.62
CA GLY A 247 12.25 -27.18 -4.51
C GLY A 247 12.15 -25.67 -4.71
N GLY A 248 11.42 -25.25 -5.74
CA GLY A 248 11.29 -23.83 -6.04
C GLY A 248 10.37 -23.03 -5.13
N GLY A 249 9.45 -23.73 -4.46
CA GLY A 249 8.54 -23.05 -3.55
C GLY A 249 7.36 -22.28 -4.10
N VAL A 250 7.05 -22.47 -5.39
CA VAL A 250 5.93 -21.75 -5.99
C VAL A 250 4.63 -22.19 -5.30
N GLY A 251 3.94 -21.21 -4.70
CA GLY A 251 2.69 -21.47 -4.00
C GLY A 251 2.90 -21.96 -2.58
N ASN A 252 4.11 -21.75 -2.06
CA ASN A 252 4.50 -22.16 -0.72
C ASN A 252 4.44 -23.67 -0.48
N VAL A 253 4.67 -24.43 -1.54
CA VAL A 253 4.74 -25.88 -1.47
C VAL A 253 5.93 -26.17 -2.40
N TRP A 254 6.40 -27.43 -2.41
CA TRP A 254 7.55 -27.82 -3.25
C TRP A 254 8.78 -27.02 -2.80
N ASN A 255 9.05 -27.07 -1.50
CA ASN A 255 10.17 -26.35 -0.91
C ASN A 255 10.88 -27.20 0.15
N LYS A 256 10.68 -28.51 0.09
CA LYS A 256 11.28 -29.40 1.07
C LYS A 256 12.34 -30.32 0.50
N PRO A 257 13.45 -30.49 1.23
CA PRO A 257 14.55 -31.36 0.81
C PRO A 257 14.19 -32.77 0.34
N HIS A 258 13.31 -33.46 1.06
CA HIS A 258 12.96 -34.82 0.63
C HIS A 258 12.27 -34.90 -0.72
N GLU A 259 11.56 -33.83 -1.09
CA GLU A 259 10.84 -33.79 -2.35
C GLU A 259 11.88 -33.75 -3.46
N ILE A 260 12.94 -32.99 -3.23
CA ILE A 260 14.03 -32.88 -4.18
C ILE A 260 14.71 -34.24 -4.38
N GLN A 261 14.95 -34.93 -3.27
CA GLN A 261 15.59 -36.25 -3.32
C GLN A 261 14.78 -37.28 -4.09
N TYR A 262 13.47 -37.34 -3.83
CA TYR A 262 12.60 -38.28 -4.50
C TYR A 262 12.51 -37.91 -6.00
N PHE A 263 12.36 -36.62 -6.27
CA PHE A 263 12.29 -36.19 -7.66
C PHE A 263 13.51 -36.64 -8.45
N TYR A 264 14.70 -36.34 -7.96
CA TYR A 264 15.90 -36.74 -8.69
C TYR A 264 16.17 -38.22 -8.74
N GLU A 265 15.64 -38.95 -7.78
CA GLU A 265 15.80 -40.39 -7.87
C GLU A 265 15.05 -40.84 -9.14
N GLY A 266 13.96 -40.16 -9.47
CA GLY A 266 13.21 -40.52 -10.66
C GLY A 266 13.75 -39.89 -11.93
N TYR A 267 14.20 -38.64 -11.83
CA TYR A 267 14.73 -37.92 -12.99
C TYR A 267 16.09 -38.48 -13.44
N GLY A 268 16.88 -38.90 -12.47
CA GLY A 268 18.17 -39.51 -12.76
C GLY A 268 19.34 -38.59 -13.01
N GLU A 269 19.16 -37.62 -13.90
CA GLU A 269 20.22 -36.67 -14.25
C GLU A 269 20.44 -35.64 -13.15
N ILE A 270 21.57 -35.75 -12.46
CA ILE A 270 21.85 -34.81 -11.38
C ILE A 270 22.81 -33.69 -11.73
N ASN A 271 23.26 -33.64 -12.99
CA ASN A 271 24.13 -32.54 -13.39
C ASN A 271 23.25 -31.41 -13.86
N VAL A 272 22.94 -30.53 -12.92
CA VAL A 272 22.07 -29.41 -13.14
C VAL A 272 22.89 -28.14 -13.09
N ASP A 273 22.74 -27.30 -14.10
CA ASP A 273 23.49 -26.06 -14.19
C ASP A 273 22.90 -25.07 -13.19
N LYS A 274 23.64 -24.82 -12.12
CA LYS A 274 23.18 -23.93 -11.05
C LYS A 274 23.01 -22.48 -11.44
N THR A 275 23.75 -22.04 -12.45
CA THR A 275 23.63 -20.66 -12.88
C THR A 275 22.32 -20.49 -13.63
N ILE A 276 21.99 -21.46 -14.48
CA ILE A 276 20.74 -21.34 -15.21
C ILE A 276 19.57 -21.59 -14.27
N LEU A 277 19.72 -22.50 -13.32
CA LEU A 277 18.63 -22.78 -12.37
C LEU A 277 18.35 -21.52 -11.52
N SER A 278 19.41 -20.86 -11.06
CA SER A 278 19.23 -19.65 -10.25
C SER A 278 18.65 -18.52 -11.11
N TYR A 279 19.08 -18.44 -12.37
CA TYR A 279 18.57 -17.42 -13.28
C TYR A 279 17.03 -17.54 -13.40
N TYR A 280 16.55 -18.76 -13.65
CA TYR A 280 15.11 -18.92 -13.81
C TYR A 280 14.31 -18.61 -12.56
N ARG A 281 14.80 -19.01 -11.38
CA ARG A 281 14.07 -18.73 -10.15
C ARG A 281 13.99 -17.24 -9.89
N HIS A 282 15.05 -16.49 -10.20
CA HIS A 282 14.99 -15.04 -10.00
C HIS A 282 14.12 -14.40 -11.09
N GLU A 283 14.34 -14.81 -12.35
CA GLU A 283 13.59 -14.23 -13.46
C GLU A 283 12.09 -14.49 -13.42
N ARG A 284 11.69 -15.68 -12.97
CA ARG A 284 10.25 -15.93 -12.91
C ARG A 284 9.60 -14.97 -11.91
N ILE A 285 10.31 -14.65 -10.82
CA ILE A 285 9.75 -13.72 -9.82
C ILE A 285 9.70 -12.31 -10.43
N VAL A 286 10.74 -11.94 -11.17
CA VAL A 286 10.76 -10.65 -11.84
C VAL A 286 9.56 -10.51 -12.77
N GLU A 287 9.24 -11.58 -13.50
N GLU A 287 9.24 -11.57 -13.52
CA GLU A 287 8.11 -11.63 -14.43
CA GLU A 287 8.10 -11.52 -14.42
C GLU A 287 6.80 -11.35 -13.67
C GLU A 287 6.81 -11.27 -13.62
N ASP A 288 6.64 -11.99 -12.52
CA ASP A 288 5.43 -11.80 -11.69
C ASP A 288 5.41 -10.40 -11.05
N ILE A 289 6.57 -9.85 -10.67
CA ILE A 289 6.56 -8.53 -10.05
C ILE A 289 6.08 -7.54 -11.12
N ALA A 290 6.50 -7.78 -12.37
CA ALA A 290 6.12 -6.91 -13.45
C ALA A 290 4.62 -6.96 -13.72
N VAL A 291 4.07 -8.17 -13.79
CA VAL A 291 2.67 -8.38 -14.07
C VAL A 291 1.74 -7.94 -12.93
N TYR A 292 1.99 -8.45 -11.74
CA TYR A 292 1.13 -8.09 -10.61
C TYR A 292 1.43 -6.68 -10.13
N GLY A 293 2.69 -6.26 -10.22
CA GLY A 293 3.00 -4.89 -9.82
C GLY A 293 2.28 -3.89 -10.72
N GLN A 294 2.24 -4.15 -12.02
CA GLN A 294 1.55 -3.23 -12.91
C GLN A 294 0.04 -3.17 -12.59
N ASP A 295 -0.51 -4.32 -12.19
CA ASP A 295 -1.93 -4.35 -11.85
C ASP A 295 -2.21 -3.47 -10.63
N LEU A 296 -1.22 -3.30 -9.76
CA LEU A 296 -1.40 -2.45 -8.58
C LEU A 296 -1.13 -0.98 -8.88
N LEU A 297 -0.20 -0.69 -9.80
CA LEU A 297 0.10 0.70 -10.15
C LEU A 297 -0.98 1.26 -11.07
N SER A 298 -1.72 0.36 -11.72
CA SER A 298 -2.81 0.75 -12.64
C SER A 298 -4.18 0.37 -12.06
N ARG A 299 -5.22 0.76 -12.78
CA ARG A 299 -6.60 0.50 -12.39
C ARG A 299 -7.24 -0.17 -13.58
N ASN A 300 -6.54 -1.18 -14.10
CA ASN A 300 -7.00 -1.96 -15.24
C ASN A 300 -8.06 -2.99 -14.88
N GLN A 301 -8.01 -3.52 -13.66
CA GLN A 301 -8.98 -4.52 -13.19
C GLN A 301 -9.72 -3.90 -12.01
N ASN A 302 -10.82 -4.51 -11.59
CA ASN A 302 -11.53 -3.93 -10.45
C ASN A 302 -10.71 -4.14 -9.17
N ASN A 303 -11.10 -3.45 -8.11
CA ASN A 303 -10.34 -3.54 -6.87
C ASN A 303 -10.28 -4.88 -6.16
N GLN A 304 -11.31 -5.71 -6.35
CA GLN A 304 -11.29 -7.03 -5.72
C GLN A 304 -10.19 -7.85 -6.39
N SER A 305 -10.07 -7.70 -7.71
N SER A 305 -10.07 -7.70 -7.70
CA SER A 305 -9.07 -8.41 -8.49
CA SER A 305 -9.05 -8.41 -8.45
C SER A 305 -7.66 -7.87 -8.20
C SER A 305 -7.66 -7.88 -8.10
N ARG A 306 -7.56 -6.56 -8.02
CA ARG A 306 -6.28 -5.95 -7.69
C ARG A 306 -5.83 -6.38 -6.30
N LEU A 307 -6.76 -6.53 -5.35
CA LEU A 307 -6.36 -6.99 -4.02
C LEU A 307 -5.82 -8.42 -4.12
N GLU A 308 -6.39 -9.24 -5.00
CA GLU A 308 -5.85 -10.61 -5.12
C GLU A 308 -4.42 -10.55 -5.63
N SER A 309 -4.17 -9.69 -6.61
CA SER A 309 -2.81 -9.53 -7.16
C SER A 309 -1.86 -9.09 -6.03
N PHE A 310 -2.33 -8.19 -5.16
CA PHE A 310 -1.50 -7.69 -4.06
C PHE A 310 -1.15 -8.80 -3.07
N LYS A 311 -2.11 -9.66 -2.74
CA LYS A 311 -1.87 -10.76 -1.84
C LYS A 311 -0.84 -11.71 -2.49
N TYR A 312 -1.00 -11.97 -3.78
CA TYR A 312 -0.07 -12.86 -4.48
C TYR A 312 1.32 -12.26 -4.45
N PHE A 313 1.41 -10.99 -4.79
CA PHE A 313 2.68 -10.28 -4.78
C PHE A 313 3.35 -10.38 -3.41
N LYS A 314 2.59 -10.17 -2.33
CA LYS A 314 3.22 -10.22 -1.00
C LYS A 314 3.65 -11.60 -0.56
N GLU A 315 2.85 -12.60 -0.92
CA GLU A 315 3.16 -13.97 -0.54
C GLU A 315 4.52 -14.40 -1.07
N MET A 316 4.95 -13.85 -2.20
CA MET A 316 6.26 -14.23 -2.76
C MET A 316 7.39 -13.96 -1.79
N PHE A 317 7.17 -13.00 -0.89
CA PHE A 317 8.18 -12.63 0.09
C PHE A 317 8.04 -13.30 1.46
N ASP A 318 7.10 -14.23 1.57
CA ASP A 318 6.90 -14.93 2.85
C ASP A 318 8.01 -15.95 3.15
N PRO A 319 8.12 -16.37 4.43
CA PRO A 319 9.14 -17.36 4.81
C PRO A 319 9.02 -18.61 3.97
N ASN A 320 10.15 -19.05 3.42
CA ASN A 320 10.21 -20.27 2.61
C ASN A 320 9.44 -20.15 1.30
N ASN A 321 9.16 -18.94 0.85
CA ASN A 321 8.45 -18.82 -0.43
C ASN A 321 9.46 -18.59 -1.55
N VAL A 322 8.99 -18.21 -2.74
CA VAL A 322 9.92 -18.08 -3.87
C VAL A 322 11.13 -17.16 -3.76
N VAL A 323 10.95 -16.00 -3.13
CA VAL A 323 12.07 -15.10 -3.02
C VAL A 323 13.19 -15.65 -2.14
N GLU A 324 12.85 -16.15 -0.96
N GLU A 324 12.85 -16.14 -0.96
CA GLU A 324 13.87 -16.67 -0.05
CA GLU A 324 13.86 -16.68 -0.07
C GLU A 324 14.60 -17.87 -0.65
C GLU A 324 14.62 -17.81 -0.75
N ILE A 325 13.87 -18.71 -1.37
CA ILE A 325 14.47 -19.87 -2.03
C ILE A 325 15.37 -19.44 -3.20
N ALA A 326 14.97 -18.42 -3.94
CA ALA A 326 15.78 -17.93 -5.06
C ALA A 326 17.12 -17.41 -4.51
N PHE A 327 17.06 -16.58 -3.48
CA PHE A 327 18.27 -16.03 -2.88
C PHE A 327 19.17 -17.14 -2.35
N ALA A 328 18.56 -18.15 -1.75
CA ALA A 328 19.33 -19.27 -1.23
C ALA A 328 20.01 -20.06 -2.36
N THR A 329 19.47 -19.94 -3.58
CA THR A 329 20.04 -20.67 -4.73
C THR A 329 21.30 -19.99 -5.22
N GLU A 330 21.32 -18.66 -5.16
CA GLU A 330 22.46 -17.89 -5.61
C GLU A 330 23.58 -17.92 -4.58
N LEU B 2 -19.82 31.87 7.35
CA LEU B 2 -20.44 31.00 8.35
C LEU B 2 -21.54 30.17 7.72
N LYS B 3 -21.67 30.29 6.40
CA LYS B 3 -22.67 29.52 5.68
C LYS B 3 -22.20 28.07 5.60
N GLN B 4 -22.98 27.15 6.17
CA GLN B 4 -22.63 25.74 6.09
C GLN B 4 -22.74 25.31 4.63
N PRO B 5 -21.89 24.37 4.19
CA PRO B 5 -21.91 23.87 2.81
C PRO B 5 -23.12 23.03 2.44
N ILE B 6 -23.79 22.45 3.44
CA ILE B 6 -24.96 21.61 3.22
C ILE B 6 -25.92 21.79 4.37
N GLN B 7 -27.14 21.27 4.20
CA GLN B 7 -28.09 21.28 5.30
C GLN B 7 -27.66 19.93 5.87
N ALA B 8 -27.58 19.80 7.19
CA ALA B 8 -27.09 18.55 7.80
C ALA B 8 -27.66 17.24 7.27
N GLN B 9 -28.95 17.22 6.98
CA GLN B 9 -29.58 16.01 6.51
C GLN B 9 -29.07 15.48 5.17
N GLN B 10 -28.45 16.35 4.39
CA GLN B 10 -27.89 15.96 3.09
C GLN B 10 -26.72 14.99 3.30
N LEU B 11 -26.20 14.92 4.51
CA LEU B 11 -25.09 13.99 4.80
C LEU B 11 -25.53 12.52 4.63
N ILE B 12 -26.82 12.24 4.82
CA ILE B 12 -27.31 10.89 4.68
C ILE B 12 -27.05 10.43 3.25
N GLU B 13 -27.50 11.24 2.30
CA GLU B 13 -27.27 10.91 0.90
C GLU B 13 -25.79 10.95 0.55
N LEU B 14 -25.08 11.98 1.02
CA LEU B 14 -23.66 12.10 0.72
C LEU B 14 -22.84 10.90 1.20
N LEU B 15 -23.10 10.43 2.43
CA LEU B 15 -22.33 9.30 2.90
C LEU B 15 -22.72 8.01 2.18
N LYS B 16 -24.00 7.85 1.85
CA LYS B 16 -24.40 6.64 1.12
C LYS B 16 -23.79 6.60 -0.28
N VAL B 17 -23.99 7.69 -1.03
CA VAL B 17 -23.50 7.80 -2.40
C VAL B 17 -21.99 7.73 -2.55
N HIS B 18 -21.26 8.50 -1.75
CA HIS B 18 -19.82 8.50 -1.87
C HIS B 18 -19.01 7.54 -1.01
N TYR B 19 -19.59 7.04 0.08
CA TYR B 19 -18.86 6.11 0.97
C TYR B 19 -19.49 4.73 1.19
N GLY B 20 -20.74 4.56 0.74
CA GLY B 20 -21.44 3.29 0.94
C GLY B 20 -21.84 3.14 2.40
N ILE B 21 -21.90 4.26 3.13
CA ILE B 21 -22.23 4.22 4.55
C ILE B 21 -23.64 4.70 4.83
N ASP B 22 -24.43 3.85 5.50
CA ASP B 22 -25.80 4.19 5.84
C ASP B 22 -25.87 4.73 7.25
N ILE B 23 -26.37 5.95 7.39
CA ILE B 23 -26.54 6.55 8.71
C ILE B 23 -27.98 6.96 8.85
N HIS B 24 -28.44 7.04 10.10
CA HIS B 24 -29.82 7.43 10.37
C HIS B 24 -29.90 8.81 10.98
N THR B 25 -28.78 9.34 11.46
CA THR B 25 -28.81 10.65 12.11
C THR B 25 -27.57 11.47 11.76
N ALA B 26 -27.79 12.73 11.40
CA ALA B 26 -26.70 13.64 11.07
C ALA B 26 -26.94 14.97 11.77
N GLN B 27 -25.89 15.49 12.41
CA GLN B 27 -25.98 16.76 13.17
C GLN B 27 -24.76 17.65 12.98
N PHE B 28 -25.00 18.95 12.84
CA PHE B 28 -23.91 19.90 12.72
C PHE B 28 -23.39 20.16 14.12
N ILE B 29 -22.09 20.27 14.28
CA ILE B 29 -21.52 20.54 15.60
C ILE B 29 -20.80 21.89 15.51
N GLN B 30 -21.33 22.87 16.23
CA GLN B 30 -20.75 24.22 16.21
C GLN B 30 -19.52 24.32 17.08
N GLY B 31 -18.48 24.94 16.54
CA GLY B 31 -17.23 25.10 17.26
C GLY B 31 -16.30 23.95 16.92
N GLY B 32 -16.85 22.94 16.25
CA GLY B 32 -16.05 21.79 15.87
C GLY B 32 -14.87 22.18 15.00
N ALA B 33 -14.90 23.43 14.52
CA ALA B 33 -13.84 23.96 13.67
C ALA B 33 -14.16 25.42 13.34
N ASP B 34 -13.17 26.13 12.80
CA ASP B 34 -13.39 27.53 12.45
C ASP B 34 -13.03 27.84 11.02
N THR B 35 -13.08 29.12 10.66
CA THR B 35 -12.75 29.53 9.31
C THR B 35 -13.44 28.68 8.27
N ASN B 36 -12.65 27.89 7.55
CA ASN B 36 -13.20 27.03 6.51
C ASN B 36 -13.16 25.55 6.89
N ALA B 37 -14.07 25.15 7.77
CA ALA B 37 -14.18 23.77 8.21
C ALA B 37 -15.50 23.61 8.94
N PHE B 38 -16.29 22.62 8.54
CA PHE B 38 -17.58 22.40 9.16
C PHE B 38 -17.69 20.93 9.55
N ALA B 39 -17.89 20.66 10.84
CA ALA B 39 -17.97 19.30 11.33
C ALA B 39 -19.37 18.80 11.68
N TYR B 40 -19.59 17.53 11.40
CA TYR B 40 -20.85 16.89 11.70
C TYR B 40 -20.61 15.56 12.37
N GLN B 41 -21.60 15.11 13.14
CA GLN B 41 -21.54 13.83 13.81
C GLN B 41 -22.58 13.02 13.04
N ALA B 42 -22.17 11.88 12.49
CA ALA B 42 -23.10 11.01 11.75
C ALA B 42 -23.13 9.67 12.45
N ASP B 43 -24.32 9.15 12.74
CA ASP B 43 -24.44 7.87 13.44
C ASP B 43 -25.27 6.82 12.73
N SER B 44 -24.80 5.57 12.77
CA SER B 44 -25.55 4.46 12.22
C SER B 44 -25.78 3.60 13.44
N GLU B 45 -26.47 2.47 13.27
CA GLU B 45 -26.72 1.58 14.39
C GLU B 45 -25.42 1.07 15.00
N SER B 46 -24.45 0.78 14.14
CA SER B 46 -23.18 0.21 14.58
C SER B 46 -21.99 1.13 14.80
N LYS B 47 -21.96 2.30 14.16
CA LYS B 47 -20.82 3.19 14.32
C LYS B 47 -21.17 4.67 14.38
N SER B 48 -20.22 5.48 14.86
CA SER B 48 -20.40 6.93 14.94
C SER B 48 -19.25 7.53 14.16
N TYR B 49 -19.56 8.53 13.35
CA TYR B 49 -18.57 9.16 12.48
C TYR B 49 -18.46 10.65 12.69
N PHE B 50 -17.25 11.17 12.45
CA PHE B 50 -16.97 12.61 12.53
C PHE B 50 -16.67 13.01 11.08
N ILE B 51 -17.53 13.86 10.53
CA ILE B 51 -17.35 14.29 9.16
C ILE B 51 -16.99 15.76 9.04
N LYS B 52 -15.95 16.03 8.26
CA LYS B 52 -15.48 17.38 8.04
C LYS B 52 -15.62 17.84 6.60
N LEU B 53 -16.34 18.96 6.40
CA LEU B 53 -16.49 19.50 5.06
C LEU B 53 -15.68 20.79 4.98
N LYS B 54 -14.93 20.97 3.90
CA LYS B 54 -14.11 22.18 3.73
C LYS B 54 -14.32 22.75 2.33
N TYR B 55 -14.56 24.06 2.21
CA TYR B 55 -14.74 24.64 0.88
C TYR B 55 -13.49 24.61 0.03
N GLY B 56 -13.69 24.57 -1.28
CA GLY B 56 -12.58 24.58 -2.21
C GLY B 56 -12.17 23.26 -2.83
N TYR B 57 -11.20 23.34 -3.75
CA TYR B 57 -10.68 22.17 -4.45
C TYR B 57 -9.15 22.12 -4.42
N HIS B 58 -8.55 22.96 -3.58
N HIS B 58 -8.55 22.96 -3.58
CA HIS B 58 -7.11 23.01 -3.44
CA HIS B 58 -7.10 23.03 -3.44
C HIS B 58 -6.64 21.83 -2.59
C HIS B 58 -6.62 21.86 -2.57
N ASP B 59 -5.44 21.32 -2.88
CA ASP B 59 -4.91 20.19 -2.12
C ASP B 59 -4.72 20.54 -0.65
N GLU B 60 -5.02 19.57 0.21
CA GLU B 60 -4.89 19.73 1.65
C GLU B 60 -3.53 19.21 2.10
N ILE B 61 -2.69 20.09 2.64
CA ILE B 61 -1.38 19.65 3.07
C ILE B 61 -1.62 18.56 4.10
N ASN B 62 -2.69 18.73 4.88
CA ASN B 62 -3.09 17.78 5.90
C ASN B 62 -3.05 16.34 5.36
N LEU B 63 -3.85 16.10 4.32
CA LEU B 63 -3.95 14.77 3.74
C LEU B 63 -2.64 14.20 3.17
N SER B 64 -1.78 15.05 2.65
CA SER B 64 -0.52 14.54 2.13
C SER B 64 0.32 14.02 3.29
N ILE B 65 0.41 14.83 4.34
CA ILE B 65 1.20 14.45 5.50
C ILE B 65 0.65 13.24 6.25
N ILE B 66 -0.67 13.20 6.48
CA ILE B 66 -1.20 12.07 7.22
C ILE B 66 -0.98 10.79 6.42
N ARG B 67 -1.08 10.87 5.10
CA ARG B 67 -0.84 9.68 4.30
C ARG B 67 0.63 9.26 4.39
N LEU B 68 1.54 10.22 4.29
CA LEU B 68 2.96 9.90 4.38
C LEU B 68 3.23 9.18 5.72
N LEU B 69 2.75 9.76 6.82
CA LEU B 69 2.98 9.15 8.12
C LEU B 69 2.30 7.78 8.23
N HIS B 70 1.04 7.71 7.84
CA HIS B 70 0.33 6.44 7.91
C HIS B 70 0.96 5.34 7.04
N ASP B 71 1.30 5.66 5.80
CA ASP B 71 1.89 4.64 4.92
C ASP B 71 3.19 4.09 5.50
N SER B 72 3.89 4.89 6.30
CA SER B 72 5.15 4.43 6.85
C SER B 72 4.96 3.53 8.06
N GLY B 73 3.70 3.41 8.52
CA GLY B 73 3.43 2.54 9.66
C GLY B 73 3.14 3.23 10.98
N ILE B 74 3.03 4.56 10.99
CA ILE B 74 2.73 5.27 12.23
C ILE B 74 1.23 5.19 12.50
N LYS B 75 0.86 4.43 13.53
CA LYS B 75 -0.54 4.23 13.88
C LYS B 75 -1.13 5.35 14.71
N GLU B 76 -0.30 6.23 15.24
CA GLU B 76 -0.82 7.30 16.10
C GLU B 76 -1.46 8.47 15.34
N ILE B 77 -1.75 8.27 14.06
CA ILE B 77 -2.38 9.31 13.23
C ILE B 77 -3.77 8.78 12.87
N ILE B 78 -4.82 9.51 13.21
CA ILE B 78 -6.21 9.10 12.91
C ILE B 78 -6.40 9.25 11.41
N PHE B 79 -6.63 8.11 10.75
CA PHE B 79 -6.73 8.05 9.31
C PHE B 79 -8.17 8.16 8.81
N PRO B 80 -8.39 8.89 7.70
CA PRO B 80 -9.73 9.05 7.14
C PRO B 80 -10.25 7.71 6.62
N ILE B 81 -11.56 7.60 6.57
CA ILE B 81 -12.24 6.44 6.00
C ILE B 81 -12.19 6.65 4.49
N HIS B 82 -11.86 5.62 3.73
CA HIS B 82 -11.79 5.74 2.28
C HIS B 82 -13.18 5.78 1.65
N THR B 83 -13.30 6.49 0.54
CA THR B 83 -14.53 6.60 -0.22
C THR B 83 -14.68 5.31 -1.01
N LEU B 84 -15.78 5.20 -1.74
CA LEU B 84 -16.03 4.02 -2.53
C LEU B 84 -15.02 3.89 -3.66
N GLU B 85 -14.43 5.01 -4.07
CA GLU B 85 -13.42 5.00 -5.12
C GLU B 85 -12.05 4.76 -4.52
N ALA B 86 -12.02 4.44 -3.22
CA ALA B 86 -10.79 4.15 -2.49
C ALA B 86 -9.85 5.35 -2.31
N LYS B 87 -10.40 6.55 -2.14
CA LYS B 87 -9.59 7.75 -1.93
C LYS B 87 -9.78 8.22 -0.49
N LEU B 88 -8.89 9.07 0.01
CA LEU B 88 -8.99 9.54 1.39
C LEU B 88 -10.03 10.61 1.60
N PHE B 89 -10.57 11.14 0.50
CA PHE B 89 -11.58 12.19 0.63
C PHE B 89 -12.36 12.29 -0.68
N GLN B 90 -13.52 12.92 -0.62
CA GLN B 90 -14.36 13.10 -1.80
C GLN B 90 -14.40 14.57 -2.18
N GLN B 91 -14.03 14.87 -3.41
CA GLN B 91 -14.07 16.25 -3.90
C GLN B 91 -15.38 16.53 -4.64
N LEU B 92 -16.17 17.47 -4.13
CA LEU B 92 -17.38 17.87 -4.83
C LEU B 92 -17.09 19.24 -5.46
N LYS B 93 -18.07 19.78 -6.19
CA LYS B 93 -17.93 21.06 -6.89
C LYS B 93 -17.45 22.24 -6.03
N HIS B 94 -18.07 22.40 -4.87
CA HIS B 94 -17.74 23.54 -4.03
C HIS B 94 -17.02 23.27 -2.72
N PHE B 95 -16.88 22.00 -2.36
CA PHE B 95 -16.23 21.64 -1.11
C PHE B 95 -15.75 20.19 -1.09
N LYS B 96 -15.00 19.82 -0.05
N LYS B 96 -15.00 19.82 -0.05
CA LYS B 96 -14.49 18.45 0.13
CA LYS B 96 -14.49 18.46 0.12
C LYS B 96 -15.16 17.81 1.33
C LYS B 96 -15.09 17.81 1.35
N ILE B 97 -15.11 16.48 1.36
CA ILE B 97 -15.65 15.71 2.48
C ILE B 97 -14.51 14.80 2.95
N ILE B 98 -14.22 14.81 4.25
CA ILE B 98 -13.19 13.93 4.83
C ILE B 98 -13.96 13.26 5.95
N ALA B 99 -14.10 11.95 5.88
CA ALA B 99 -14.85 11.21 6.88
C ALA B 99 -13.92 10.48 7.84
N TYR B 100 -14.27 10.50 9.13
CA TYR B 100 -13.49 9.82 10.17
C TYR B 100 -14.33 9.01 11.13
N PRO B 101 -13.70 8.04 11.80
CA PRO B 101 -14.46 7.24 12.77
C PRO B 101 -14.55 8.27 13.92
N PHE B 102 -15.65 8.31 14.66
CA PHE B 102 -15.75 9.30 15.75
C PHE B 102 -14.99 8.77 16.99
N ILE B 103 -13.79 9.26 17.24
N ILE B 103 -13.83 9.33 17.26
CA ILE B 103 -13.05 8.77 18.41
CA ILE B 103 -13.01 8.91 18.38
C ILE B 103 -13.10 9.82 19.51
C ILE B 103 -13.37 9.59 19.69
N HIS B 104 -13.69 9.50 20.65
N HIS B 104 -13.59 8.81 20.73
CA HIS B 104 -13.72 10.51 21.68
CA HIS B 104 -13.96 9.35 22.04
C HIS B 104 -12.84 10.38 22.90
C HIS B 104 -12.77 9.35 22.99
N ALA B 105 -11.63 9.94 22.64
CA ALA B 105 -10.56 9.88 23.61
C ALA B 105 -10.36 11.35 23.98
N PRO B 106 -10.15 11.64 25.26
CA PRO B 106 -9.96 13.04 25.68
C PRO B 106 -8.54 13.52 25.30
N ASN B 107 -8.35 14.83 25.22
CA ASN B 107 -7.02 15.37 24.92
C ASN B 107 -6.18 15.45 26.21
N GLY B 108 -4.93 15.86 26.06
CA GLY B 108 -4.01 15.93 27.18
C GLY B 108 -4.27 17.01 28.21
N PHE B 109 -5.22 17.90 27.93
CA PHE B 109 -5.57 18.92 28.90
C PHE B 109 -6.56 18.29 29.88
N THR B 110 -7.29 17.28 29.39
CA THR B 110 -8.27 16.58 30.20
C THR B 110 -7.70 15.39 30.95
N GLN B 111 -6.87 14.61 30.26
CA GLN B 111 -6.28 13.42 30.89
C GLN B 111 -4.75 13.38 30.73
N ASN B 112 -4.06 13.26 31.84
CA ASN B 112 -2.60 13.22 31.82
C ASN B 112 -2.13 11.94 31.14
N LEU B 113 -1.02 12.01 30.41
CA LEU B 113 -0.48 10.81 29.80
C LEU B 113 0.22 9.96 30.86
N THR B 114 0.18 8.64 30.71
CA THR B 114 0.86 7.74 31.65
C THR B 114 2.34 7.72 31.25
N GLY B 115 3.17 7.02 32.04
CA GLY B 115 4.58 6.96 31.71
C GLY B 115 4.82 6.32 30.36
N LYS B 116 4.08 5.25 30.09
CA LYS B 116 4.19 4.55 28.84
C LYS B 116 3.84 5.50 27.71
N GLN B 117 2.75 6.24 27.89
CA GLN B 117 2.30 7.16 26.84
C GLN B 117 3.27 8.27 26.54
N TRP B 118 3.95 8.77 27.59
CA TRP B 118 4.97 9.80 27.40
C TRP B 118 6.11 9.20 26.55
N LYS B 119 6.54 7.98 26.84
CA LYS B 119 7.59 7.38 26.03
C LYS B 119 7.07 7.12 24.61
N GLN B 120 5.77 6.79 24.48
CA GLN B 120 5.21 6.52 23.16
C GLN B 120 5.20 7.82 22.35
N LEU B 121 4.87 8.93 23.00
CA LEU B 121 4.86 10.23 22.31
C LEU B 121 6.29 10.55 21.82
N GLY B 122 7.30 10.24 22.63
CA GLY B 122 8.67 10.49 22.19
C GLY B 122 9.03 9.60 21.01
N LYS B 123 8.61 8.34 21.09
CA LYS B 123 8.88 7.39 20.01
C LYS B 123 8.23 7.89 18.72
N VAL B 124 7.00 8.37 18.81
CA VAL B 124 6.29 8.83 17.63
C VAL B 124 6.85 10.12 17.04
N LEU B 125 7.19 11.09 17.89
CA LEU B 125 7.73 12.32 17.34
C LEU B 125 9.10 12.08 16.69
N ARG B 126 9.85 11.10 17.23
CA ARG B 126 11.15 10.76 16.67
C ARG B 126 10.94 10.27 15.24
N GLN B 127 9.96 9.40 15.04
CA GLN B 127 9.70 8.88 13.70
C GLN B 127 9.23 9.99 12.75
N ILE B 128 8.41 10.91 13.25
CA ILE B 128 7.97 12.03 12.42
C ILE B 128 9.18 12.86 12.02
N HIS B 129 10.05 13.19 12.96
CA HIS B 129 11.25 14.00 12.67
C HIS B 129 12.29 13.32 11.78
N GLU B 130 12.25 11.98 11.74
CA GLU B 130 13.20 11.24 10.90
C GLU B 130 12.58 10.88 9.56
N THR B 131 11.35 11.30 9.36
CA THR B 131 10.64 11.00 8.11
C THR B 131 11.18 11.72 6.88
N SER B 132 11.47 10.93 5.84
CA SER B 132 11.98 11.47 4.57
C SER B 132 10.75 12.03 3.82
N VAL B 133 10.73 13.33 3.57
CA VAL B 133 9.59 13.95 2.90
C VAL B 133 9.86 14.10 1.40
N PRO B 134 8.97 13.56 0.56
CA PRO B 134 9.11 13.64 -0.90
C PRO B 134 9.29 15.12 -1.27
N ILE B 135 10.14 15.40 -2.25
N ILE B 135 10.13 15.38 -2.25
CA ILE B 135 10.38 16.78 -2.63
CA ILE B 135 10.38 16.76 -2.68
C ILE B 135 9.09 17.49 -3.06
C ILE B 135 9.10 17.48 -3.06
N SER B 136 8.18 16.77 -3.69
CA SER B 136 6.91 17.38 -4.13
C SER B 136 6.13 17.93 -2.94
N ILE B 137 6.17 17.22 -1.82
CA ILE B 137 5.49 17.66 -0.60
C ILE B 137 6.29 18.77 0.08
N GLN B 138 7.61 18.66 0.06
CA GLN B 138 8.45 19.71 0.65
C GLN B 138 8.14 21.06 0.01
N GLN B 139 7.91 21.08 -1.29
CA GLN B 139 7.61 22.34 -1.97
C GLN B 139 6.32 22.96 -1.45
N GLN B 140 5.41 22.13 -0.94
CA GLN B 140 4.14 22.60 -0.41
C GLN B 140 4.14 22.97 1.09
N LEU B 141 5.22 22.65 1.79
CA LEU B 141 5.33 22.94 3.23
C LEU B 141 6.02 24.27 3.49
N ARG B 142 5.51 25.02 4.44
CA ARG B 142 6.15 26.27 4.77
C ARG B 142 7.49 25.92 5.41
N LYS B 143 8.49 26.78 5.20
CA LYS B 143 9.82 26.61 5.80
C LYS B 143 9.97 27.65 6.91
N GLU B 144 10.67 27.29 7.99
CA GLU B 144 10.92 28.26 9.07
C GLU B 144 11.73 29.41 8.46
N ILE B 145 11.25 30.66 8.61
CA ILE B 145 11.99 31.83 8.11
C ILE B 145 12.34 32.85 9.19
N TYR B 146 12.14 32.47 10.46
CA TYR B 146 12.47 33.33 11.61
C TYR B 146 11.95 34.76 11.40
N SER B 147 10.71 34.86 10.95
CA SER B 147 10.12 36.17 10.65
C SER B 147 10.01 37.10 11.85
N PRO B 148 10.30 38.41 11.67
CA PRO B 148 10.20 39.36 12.77
C PRO B 148 8.79 39.94 12.89
N LYS B 149 7.87 39.42 12.08
CA LYS B 149 6.50 39.93 12.08
C LYS B 149 5.84 40.14 13.45
N TRP B 150 5.93 39.12 14.30
CA TRP B 150 5.26 39.15 15.60
C TRP B 150 5.99 40.02 16.60
N ARG B 151 7.32 39.94 16.59
CA ARG B 151 8.15 40.80 17.45
C ARG B 151 7.82 42.25 17.12
N GLU B 152 7.79 42.58 15.83
CA GLU B 152 7.44 43.94 15.44
C GLU B 152 6.04 44.37 15.90
N ILE B 153 5.08 43.47 15.79
CA ILE B 153 3.73 43.78 16.23
C ILE B 153 3.71 44.07 17.73
N VAL B 154 4.38 43.25 18.53
CA VAL B 154 4.37 43.53 19.96
C VAL B 154 5.05 44.88 20.27
N ARG B 155 6.17 45.19 19.60
CA ARG B 155 6.80 46.50 19.88
C ARG B 155 5.91 47.64 19.48
N SER B 156 5.08 47.43 18.47
CA SER B 156 4.15 48.48 18.04
C SER B 156 3.13 48.82 19.15
N PHE B 157 2.97 47.94 20.14
CA PHE B 157 2.03 48.19 21.24
C PHE B 157 2.65 49.07 22.34
N TYR B 158 3.97 49.12 22.44
CA TYR B 158 4.64 49.88 23.50
C TYR B 158 4.14 51.29 23.70
N ASN B 159 3.97 52.04 22.61
CA ASN B 159 3.54 53.44 22.73
C ASN B 159 2.04 53.62 22.87
N GLN B 160 1.30 52.52 22.93
CA GLN B 160 -0.16 52.55 23.03
C GLN B 160 -0.70 52.14 24.39
N ILE B 161 0.18 52.00 25.38
CA ILE B 161 -0.24 51.56 26.70
C ILE B 161 -0.90 52.57 27.66
N GLU B 162 -0.85 53.86 27.33
CA GLU B 162 -1.42 54.91 28.19
C GLU B 162 -2.95 54.89 28.38
N PHE B 163 -3.39 55.14 29.60
CA PHE B 163 -4.81 55.15 29.91
C PHE B 163 -5.61 56.14 29.05
N ASP B 164 -6.81 55.73 28.64
CA ASP B 164 -7.67 56.58 27.82
C ASP B 164 -9.13 56.42 28.21
N ASN B 165 -9.76 57.51 28.67
CA ASN B 165 -11.15 57.48 29.09
C ASN B 165 -12.12 56.87 28.07
N SER B 166 -11.79 56.99 26.79
CA SER B 166 -12.64 56.47 25.72
C SER B 166 -12.55 54.97 25.43
N ASP B 167 -11.56 54.28 26.00
CA ASP B 167 -11.42 52.84 25.75
C ASP B 167 -12.57 52.04 26.33
N ASP B 168 -12.97 51.00 25.61
CA ASP B 168 -14.02 50.13 26.09
C ASP B 168 -13.36 49.34 27.23
N LYS B 169 -14.14 48.54 27.95
CA LYS B 169 -13.63 47.80 29.10
C LYS B 169 -12.44 46.88 28.83
N LEU B 170 -12.55 46.08 27.76
CA LEU B 170 -11.51 45.12 27.40
C LEU B 170 -10.24 45.78 26.93
N THR B 171 -10.37 46.85 26.16
CA THR B 171 -9.18 47.55 25.70
C THR B 171 -8.43 48.11 26.91
N ALA B 172 -9.17 48.69 27.84
CA ALA B 172 -8.58 49.28 29.04
C ALA B 172 -7.91 48.19 29.89
N ALA B 173 -8.55 47.03 30.00
CA ALA B 173 -8.00 45.95 30.82
C ALA B 173 -6.73 45.40 30.18
N PHE B 174 -6.76 45.27 28.87
CA PHE B 174 -5.57 44.78 28.15
C PHE B 174 -4.39 45.71 28.41
N LYS B 175 -4.62 47.00 28.21
CA LYS B 175 -3.57 47.98 28.39
C LYS B 175 -3.00 47.93 29.81
N SER B 176 -3.89 47.82 30.80
CA SER B 176 -3.45 47.79 32.18
C SER B 176 -2.61 46.56 32.48
N PHE B 177 -3.09 45.40 32.04
CA PHE B 177 -2.36 44.18 32.29
C PHE B 177 -1.02 44.26 31.60
N PHE B 178 -1.00 44.76 30.36
CA PHE B 178 0.26 44.88 29.61
C PHE B 178 1.21 45.73 30.42
N ASN B 179 0.72 46.88 30.90
CA ASN B 179 1.53 47.80 31.69
C ASN B 179 2.16 47.13 32.93
N GLN B 180 1.33 46.42 33.67
CA GLN B 180 1.78 45.75 34.88
C GLN B 180 2.82 44.66 34.60
N ASN B 181 2.85 44.18 33.36
CA ASN B 181 3.79 43.12 32.99
C ASN B 181 4.71 43.56 31.85
N SER B 182 4.91 44.88 31.74
N SER B 182 4.90 44.87 31.74
CA SER B 182 5.74 45.45 30.69
CA SER B 182 5.74 45.44 30.68
C SER B 182 7.16 44.88 30.63
C SER B 182 7.16 44.87 30.63
N ALA B 183 7.84 44.80 31.77
CA ALA B 183 9.21 44.27 31.79
C ALA B 183 9.33 42.84 31.22
N ALA B 184 8.39 41.98 31.59
CA ALA B 184 8.37 40.58 31.10
C ALA B 184 8.09 40.55 29.60
N ILE B 185 7.17 41.40 29.15
CA ILE B 185 6.85 41.43 27.72
C ILE B 185 8.06 41.89 26.88
N HIS B 186 8.75 42.94 27.33
CA HIS B 186 9.95 43.37 26.62
C HIS B 186 11.00 42.26 26.60
N ARG B 187 11.07 41.52 27.70
CA ARG B 187 12.03 40.43 27.83
C ARG B 187 11.67 39.30 26.86
N LEU B 188 10.38 39.01 26.71
CA LEU B 188 10.01 37.95 25.76
C LEU B 188 10.42 38.36 24.35
N VAL B 189 10.11 39.61 23.98
CA VAL B 189 10.43 40.12 22.62
C VAL B 189 11.94 40.19 22.39
N ASP B 190 12.65 40.78 23.33
CA ASP B 190 14.10 40.92 23.19
C ASP B 190 14.85 39.60 23.21
N THR B 191 14.37 38.63 23.98
CA THR B 191 15.05 37.34 24.02
C THR B 191 14.78 36.66 22.70
N SER B 192 13.54 36.74 22.20
CA SER B 192 13.27 36.13 20.90
C SER B 192 14.17 36.77 19.81
N GLU B 193 14.29 38.09 19.85
CA GLU B 193 15.10 38.82 18.88
C GLU B 193 16.57 38.37 18.97
N LYS B 194 17.09 38.38 20.19
CA LYS B 194 18.47 37.95 20.43
C LYS B 194 18.76 36.55 19.88
N LEU B 195 17.92 35.59 20.27
CA LEU B 195 18.13 34.22 19.85
C LEU B 195 17.94 34.03 18.36
N SER B 196 17.02 34.77 17.74
CA SER B 196 16.84 34.61 16.29
C SER B 196 18.13 34.93 15.55
N LYS B 197 18.92 35.87 16.09
CA LYS B 197 20.18 36.25 15.46
C LYS B 197 21.33 35.31 15.84
N LYS B 198 21.23 34.68 17.00
CA LYS B 198 22.30 33.78 17.45
C LYS B 198 22.25 32.42 16.74
N ILE B 199 21.05 32.00 16.36
CA ILE B 199 20.90 30.71 15.67
C ILE B 199 21.70 30.71 14.38
N GLN B 200 22.57 29.70 14.23
CA GLN B 200 23.39 29.62 13.02
C GLN B 200 22.59 29.00 11.87
N PRO B 201 22.88 29.42 10.64
CA PRO B 201 22.21 28.92 9.44
C PRO B 201 22.58 27.44 9.33
N ASP B 202 21.59 26.58 9.06
CA ASP B 202 21.81 25.13 8.91
C ASP B 202 20.56 24.44 8.38
N LEU B 203 20.30 24.58 7.09
CA LEU B 203 19.13 23.99 6.46
C LEU B 203 19.09 22.47 6.52
N ASP B 204 20.27 21.85 6.63
CA ASP B 204 20.29 20.40 6.68
C ASP B 204 19.58 19.86 7.92
N LYS B 205 19.36 20.73 8.91
CA LYS B 205 18.70 20.30 10.14
C LYS B 205 17.17 20.45 10.10
N TYR B 206 16.62 21.00 9.02
CA TYR B 206 15.16 21.15 8.95
C TYR B 206 14.55 19.75 8.80
N VAL B 207 13.49 19.52 9.55
CA VAL B 207 12.80 18.22 9.54
C VAL B 207 11.29 18.49 9.54
N LEU B 208 10.51 17.46 9.24
CA LEU B 208 9.06 17.60 9.26
C LEU B 208 8.61 17.81 10.69
N CYS B 209 7.92 18.92 10.96
CA CYS B 209 7.45 19.25 12.29
C CYS B 209 5.94 19.46 12.32
N HIS B 210 5.31 19.07 13.43
CA HIS B 210 3.87 19.30 13.61
C HIS B 210 3.66 20.84 13.73
N SER B 211 4.53 21.48 14.49
CA SER B 211 4.61 22.92 14.78
C SER B 211 3.74 23.48 15.92
N ASP B 212 2.81 22.69 16.44
CA ASP B 212 1.96 23.17 17.52
C ASP B 212 1.50 21.97 18.35
N ILE B 213 2.48 21.18 18.74
CA ILE B 213 2.15 19.95 19.45
C ILE B 213 2.10 20.06 20.97
N HIS B 214 1.10 20.81 21.44
CA HIS B 214 0.82 20.96 22.87
C HIS B 214 -0.19 19.86 23.22
N ALA B 215 -0.56 19.77 24.50
CA ALA B 215 -1.42 18.69 24.97
C ALA B 215 -2.81 18.60 24.33
N GLY B 216 -3.33 19.71 23.82
CA GLY B 216 -4.64 19.68 23.18
C GLY B 216 -4.61 18.91 21.86
N ASN B 217 -3.42 18.70 21.31
CA ASN B 217 -3.30 17.96 20.06
C ASN B 217 -2.85 16.53 20.27
N VAL B 218 -2.95 16.05 21.50
CA VAL B 218 -2.66 14.66 21.75
C VAL B 218 -3.94 14.08 22.37
N LEU B 219 -4.46 13.00 21.77
CA LEU B 219 -5.65 12.35 22.32
C LEU B 219 -5.10 11.13 23.05
N VAL B 220 -5.66 10.92 24.24
CA VAL B 220 -5.22 9.89 25.15
C VAL B 220 -6.26 8.79 25.30
N GLY B 221 -6.01 7.65 24.69
CA GLY B 221 -6.95 6.56 24.79
C GLY B 221 -6.64 5.69 25.99
N ASN B 222 -7.15 4.46 25.93
CA ASN B 222 -6.94 3.47 26.99
C ASN B 222 -5.71 2.66 26.66
N GLU B 223 -5.79 1.33 26.71
CA GLU B 223 -4.63 0.49 26.43
C GLU B 223 -3.41 1.27 26.91
N GLU B 224 -2.85 2.08 26.01
CA GLU B 224 -1.71 2.94 26.27
C GLU B 224 -1.49 3.71 24.97
N SER B 225 -2.49 3.72 24.12
CA SER B 225 -2.36 4.39 22.84
C SER B 225 -2.58 5.89 22.92
N ILE B 226 -2.07 6.58 21.93
CA ILE B 226 -2.22 8.02 21.84
C ILE B 226 -2.42 8.33 20.39
N TYR B 227 -2.89 9.54 20.10
CA TYR B 227 -3.10 9.95 18.72
C TYR B 227 -2.66 11.40 18.62
N ILE B 228 -1.93 11.74 17.57
N ILE B 228 -1.93 11.74 17.57
CA ILE B 228 -1.51 13.12 17.39
CA ILE B 228 -1.49 13.12 17.37
C ILE B 228 -2.43 13.71 16.31
C ILE B 228 -2.42 13.72 16.30
N ILE B 229 -3.07 14.82 16.65
CA ILE B 229 -4.01 15.46 15.74
C ILE B 229 -3.65 16.88 15.34
N ASP B 230 -4.47 17.39 14.42
CA ASP B 230 -4.32 18.72 13.85
C ASP B 230 -3.09 18.83 12.97
N TRP B 231 -3.18 18.30 11.76
CA TRP B 231 -2.07 18.33 10.83
C TRP B 231 -2.28 19.33 9.69
N ASP B 232 -3.01 20.40 9.99
CA ASP B 232 -3.31 21.42 8.99
C ASP B 232 -2.18 22.39 8.74
N GLU B 233 -1.24 22.52 9.68
CA GLU B 233 -0.15 23.46 9.49
C GLU B 233 1.23 22.93 9.82
N PRO B 234 1.61 21.78 9.26
CA PRO B 234 2.94 21.25 9.57
C PRO B 234 3.95 22.13 8.81
N MET B 235 5.23 21.95 9.09
CA MET B 235 6.24 22.75 8.41
C MET B 235 7.58 22.04 8.42
N LEU B 236 8.55 22.65 7.74
CA LEU B 236 9.90 22.12 7.78
C LEU B 236 10.64 23.13 8.66
N ALA B 237 11.27 22.63 9.73
CA ALA B 237 11.97 23.49 10.69
C ALA B 237 12.87 22.65 11.58
N PRO B 238 13.71 23.30 12.39
CA PRO B 238 14.57 22.52 13.30
C PRO B 238 13.61 21.71 14.20
N LYS B 239 14.04 20.53 14.67
CA LYS B 239 13.19 19.69 15.49
C LYS B 239 12.71 20.37 16.77
N GLU B 240 13.49 21.35 17.25
CA GLU B 240 13.11 22.07 18.45
C GLU B 240 11.77 22.84 18.30
N ARG B 241 11.29 22.99 17.06
CA ARG B 241 9.99 23.62 16.81
C ARG B 241 8.94 22.80 17.55
N ASP B 242 9.15 21.50 17.56
CA ASP B 242 8.25 20.60 18.25
C ASP B 242 8.73 20.26 19.67
N LEU B 243 10.03 20.06 19.84
CA LEU B 243 10.50 19.67 21.18
C LEU B 243 10.26 20.74 22.24
N MET B 244 10.12 22.00 21.84
CA MET B 244 9.88 23.04 22.83
C MET B 244 8.63 22.80 23.64
N PHE B 245 7.68 22.02 23.13
CA PHE B 245 6.43 21.77 23.86
C PHE B 245 6.63 20.81 25.03
N ILE B 246 7.64 19.95 24.94
CA ILE B 246 7.89 18.98 26.00
C ILE B 246 8.51 19.75 27.17
N GLY B 247 7.74 19.86 28.26
CA GLY B 247 8.20 20.64 29.40
C GLY B 247 7.89 22.12 29.19
N GLY B 248 7.21 22.45 28.10
CA GLY B 248 6.92 23.85 27.76
C GLY B 248 5.81 24.55 28.55
N GLY B 249 4.98 23.77 29.23
CA GLY B 249 3.92 24.34 30.05
C GLY B 249 2.68 24.89 29.35
N VAL B 250 2.49 24.59 28.07
CA VAL B 250 1.29 25.13 27.38
C VAL B 250 0.00 24.61 28.01
N GLY B 251 -0.87 25.53 28.40
CA GLY B 251 -2.14 25.12 29.01
C GLY B 251 -1.99 24.68 30.46
N ASN B 252 -0.87 25.05 31.05
CA ASN B 252 -0.55 24.69 32.42
C ASN B 252 -0.46 23.19 32.73
N VAL B 253 0.05 22.44 31.75
CA VAL B 253 0.31 21.02 31.90
C VAL B 253 1.60 20.84 31.10
N TRP B 254 2.16 19.64 31.10
CA TRP B 254 3.43 19.36 30.38
C TRP B 254 4.52 20.28 30.93
N ASN B 255 4.64 20.29 32.25
CA ASN B 255 5.58 21.15 32.93
C ASN B 255 6.26 20.39 34.06
N LYS B 256 6.25 19.06 33.99
CA LYS B 256 6.87 18.27 35.04
C LYS B 256 8.14 17.59 34.57
N PRO B 257 9.20 17.64 35.41
CA PRO B 257 10.49 17.01 35.07
C PRO B 257 10.43 15.56 34.63
N HIS B 258 9.66 14.70 35.29
CA HIS B 258 9.65 13.29 34.91
C HIS B 258 9.03 13.04 33.56
N GLU B 259 8.07 13.90 33.20
N GLU B 259 8.06 13.86 33.18
CA GLU B 259 7.37 13.80 31.93
CA GLU B 259 7.44 13.64 31.88
C GLU B 259 8.43 13.96 30.83
C GLU B 259 8.44 13.96 30.77
N ILE B 260 9.28 14.97 30.99
CA ILE B 260 10.31 15.31 30.04
C ILE B 260 11.28 14.13 29.94
N GLN B 261 11.65 13.59 31.10
CA GLN B 261 12.57 12.46 31.11
C GLN B 261 12.01 11.27 30.33
N TYR B 262 10.74 10.94 30.58
CA TYR B 262 10.11 9.81 29.91
C TYR B 262 10.00 10.07 28.40
N PHE B 263 9.65 11.29 28.03
CA PHE B 263 9.57 11.63 26.60
C PHE B 263 10.89 11.32 25.91
N TYR B 264 12.00 11.81 26.48
CA TYR B 264 13.29 11.58 25.86
C TYR B 264 13.74 10.13 25.89
N GLU B 265 13.26 9.35 26.86
CA GLU B 265 13.58 7.91 26.87
C GLU B 265 12.96 7.31 25.61
N GLY B 266 11.78 7.80 25.23
CA GLY B 266 11.17 7.29 24.01
C GLY B 266 11.75 7.88 22.73
N TYR B 267 12.03 9.19 22.74
CA TYR B 267 12.58 9.89 21.59
C TYR B 267 13.94 9.29 21.21
N GLY B 268 14.74 8.92 22.22
CA GLY B 268 15.99 8.22 21.97
C GLY B 268 17.31 8.94 21.80
N GLU B 269 17.24 10.25 21.58
N GLU B 269 17.24 10.25 21.62
CA GLU B 269 18.45 11.05 21.40
CA GLU B 269 18.46 11.03 21.46
C GLU B 269 18.24 12.37 22.15
C GLU B 269 18.22 12.32 22.23
N ILE B 270 19.27 12.87 22.81
CA ILE B 270 19.14 14.10 23.56
C ILE B 270 19.99 15.26 23.04
N ASN B 271 20.31 15.24 21.76
CA ASN B 271 21.12 16.31 21.20
C ASN B 271 20.19 17.45 20.78
N VAL B 272 19.68 18.13 21.80
CA VAL B 272 18.77 19.25 21.60
C VAL B 272 19.50 20.59 21.63
N ASP B 273 19.23 21.39 20.61
CA ASP B 273 19.85 22.72 20.50
C ASP B 273 19.10 23.64 21.46
N LYS B 274 19.70 23.95 22.60
CA LYS B 274 19.01 24.78 23.59
C LYS B 274 18.72 26.21 23.14
N THR B 275 19.52 26.75 22.22
CA THR B 275 19.30 28.10 21.72
C THR B 275 18.03 28.12 20.88
N ILE B 276 17.87 27.15 20.00
CA ILE B 276 16.66 27.09 19.18
C ILE B 276 15.43 26.76 20.04
N LEU B 277 15.60 25.86 21.01
CA LEU B 277 14.49 25.49 21.88
C LEU B 277 14.01 26.74 22.66
N SER B 278 14.94 27.52 23.20
N SER B 278 14.95 27.51 23.19
CA SER B 278 14.58 28.72 23.94
CA SER B 278 14.57 28.72 23.93
C SER B 278 13.97 29.75 23.00
C SER B 278 13.97 29.75 23.00
N TYR B 279 14.53 29.86 21.79
CA TYR B 279 14.00 30.80 20.81
C TYR B 279 12.50 30.51 20.61
N TYR B 280 12.16 29.26 20.35
CA TYR B 280 10.75 28.94 20.11
C TYR B 280 9.86 29.17 21.31
N ARG B 281 10.33 28.83 22.51
CA ARG B 281 9.47 29.08 23.68
C ARG B 281 9.17 30.57 23.83
N HIS B 282 10.13 31.45 23.62
CA HIS B 282 9.85 32.88 23.74
C HIS B 282 9.04 33.39 22.53
N GLU B 283 9.43 32.96 21.34
CA GLU B 283 8.74 33.40 20.11
C GLU B 283 7.27 33.00 20.06
N ARG B 284 6.91 31.78 20.50
CA ARG B 284 5.51 31.38 20.45
C ARG B 284 4.65 32.30 21.32
N ILE B 285 5.22 32.71 22.46
CA ILE B 285 4.51 33.63 23.37
C ILE B 285 4.37 35.00 22.73
N VAL B 286 5.43 35.46 22.06
CA VAL B 286 5.40 36.73 21.36
C VAL B 286 4.28 36.69 20.32
N GLU B 287 4.20 35.59 19.56
CA GLU B 287 3.17 35.48 18.52
C GLU B 287 1.80 35.57 19.18
N ASP B 288 1.61 34.89 20.30
CA ASP B 288 0.31 34.96 20.97
C ASP B 288 -0.03 36.38 21.49
N ILE B 289 0.95 37.07 22.06
CA ILE B 289 0.72 38.42 22.56
C ILE B 289 0.31 39.30 21.39
N ALA B 290 0.98 39.12 20.26
CA ALA B 290 0.65 39.92 19.07
C ALA B 290 -0.79 39.68 18.59
N VAL B 291 -1.20 38.41 18.50
CA VAL B 291 -2.55 38.08 18.04
C VAL B 291 -3.64 38.53 19.02
N TYR B 292 -3.46 38.25 20.30
CA TYR B 292 -4.44 38.65 21.31
C TYR B 292 -4.50 40.17 21.43
N GLY B 293 -3.33 40.80 21.41
CA GLY B 293 -3.25 42.25 21.48
C GLY B 293 -3.96 42.91 20.31
N GLN B 294 -3.76 42.40 19.11
CA GLN B 294 -4.43 43.00 17.96
C GLN B 294 -5.95 42.83 18.08
N ASP B 295 -6.38 41.68 18.56
CA ASP B 295 -7.81 41.43 18.70
C ASP B 295 -8.39 42.41 19.71
N LEU B 296 -7.68 42.61 20.82
CA LEU B 296 -8.16 43.53 21.83
C LEU B 296 -8.10 45.01 21.36
N LEU B 297 -6.98 45.44 20.80
CA LEU B 297 -6.85 46.83 20.36
C LEU B 297 -7.67 47.14 19.10
N SER B 298 -8.32 46.13 18.52
N SER B 298 -8.33 46.11 18.56
CA SER B 298 -9.16 46.36 17.35
CA SER B 298 -9.19 46.26 17.39
C SER B 298 -10.33 47.25 17.79
C SER B 298 -10.40 47.12 17.77
N ARG B 299 -10.72 47.10 19.06
CA ARG B 299 -11.83 47.88 19.63
C ARG B 299 -13.17 47.54 18.98
N ASN B 300 -13.25 46.34 18.44
CA ASN B 300 -14.46 45.84 17.80
C ASN B 300 -15.34 45.18 18.87
N GLN B 301 -16.29 45.95 19.40
CA GLN B 301 -17.20 45.48 20.44
C GLN B 301 -18.08 44.30 19.99
N ASN B 302 -18.32 44.19 18.69
CA ASN B 302 -19.16 43.10 18.18
C ASN B 302 -18.43 41.76 18.25
N ASN B 303 -17.11 41.81 18.28
CA ASN B 303 -16.25 40.63 18.33
C ASN B 303 -16.15 40.03 19.74
N GLN B 304 -16.89 38.94 19.99
CA GLN B 304 -16.87 38.29 21.30
C GLN B 304 -15.58 37.51 21.59
N SER B 305 -14.76 37.30 20.55
CA SER B 305 -13.50 36.58 20.72
C SER B 305 -12.55 37.41 21.61
N ARG B 306 -12.83 38.70 21.72
CA ARG B 306 -12.00 39.57 22.52
C ARG B 306 -11.92 39.17 23.98
N LEU B 307 -13.03 38.69 24.53
CA LEU B 307 -13.04 38.26 25.93
C LEU B 307 -12.09 37.08 26.08
N GLU B 308 -12.14 36.16 25.12
CA GLU B 308 -11.28 34.96 25.12
C GLU B 308 -9.81 35.36 24.97
N SER B 309 -9.52 36.29 24.06
CA SER B 309 -8.16 36.78 23.85
C SER B 309 -7.58 37.36 25.15
N PHE B 310 -8.36 38.16 25.86
CA PHE B 310 -7.85 38.72 27.09
C PHE B 310 -7.56 37.61 28.11
N LYS B 311 -8.46 36.63 28.19
CA LYS B 311 -8.32 35.50 29.12
C LYS B 311 -7.01 34.74 28.86
N TYR B 312 -6.81 34.37 27.60
CA TYR B 312 -5.61 33.63 27.18
C TYR B 312 -4.35 34.44 27.36
N PHE B 313 -4.43 35.76 27.12
CA PHE B 313 -3.28 36.65 27.28
C PHE B 313 -2.79 36.57 28.72
N LYS B 314 -3.70 36.74 29.67
CA LYS B 314 -3.31 36.72 31.06
C LYS B 314 -2.79 35.36 31.54
N GLU B 315 -3.45 34.29 31.10
CA GLU B 315 -3.08 32.93 31.51
C GLU B 315 -1.61 32.62 31.29
N MET B 316 -1.05 33.14 30.21
CA MET B 316 0.34 32.89 29.92
C MET B 316 1.28 33.31 31.01
N PHE B 317 0.87 34.29 31.82
CA PHE B 317 1.70 34.80 32.90
C PHE B 317 1.44 34.17 34.27
N ASP B 318 0.59 33.16 34.33
CA ASP B 318 0.32 32.52 35.60
C ASP B 318 1.53 31.70 36.05
N PRO B 319 1.59 31.41 37.36
CA PRO B 319 2.70 30.64 37.90
C PRO B 319 2.86 29.35 37.14
N ASN B 320 4.12 29.04 36.82
CA ASN B 320 4.49 27.84 36.11
C ASN B 320 3.85 27.67 34.74
N ASN B 321 3.39 28.76 34.13
CA ASN B 321 2.80 28.69 32.80
C ASN B 321 3.90 29.00 31.79
N VAL B 322 3.54 29.25 30.53
CA VAL B 322 4.59 29.40 29.51
C VAL B 322 5.63 30.50 29.68
N VAL B 323 5.26 31.66 30.24
CA VAL B 323 6.23 32.72 30.41
C VAL B 323 7.28 32.33 31.43
N GLU B 324 6.83 31.88 32.59
N GLU B 324 6.83 31.89 32.61
CA GLU B 324 7.79 31.49 33.63
CA GLU B 324 7.77 31.50 33.65
C GLU B 324 8.72 30.41 33.13
C GLU B 324 8.68 30.35 33.22
N ILE B 325 8.17 29.43 32.40
CA ILE B 325 8.98 28.33 31.89
C ILE B 325 9.97 28.80 30.84
N ALA B 326 9.54 29.68 29.96
CA ALA B 326 10.47 30.19 28.98
C ALA B 326 11.61 30.94 29.68
N PHE B 327 11.32 31.78 30.66
CA PHE B 327 12.37 32.51 31.36
C PHE B 327 13.31 31.58 32.12
N ALA B 328 12.73 30.61 32.80
CA ALA B 328 13.49 29.66 33.60
C ALA B 328 14.34 28.71 32.78
N THR B 329 13.98 28.49 31.54
CA THR B 329 14.76 27.56 30.77
C THR B 329 15.71 28.23 29.80
N GLU B 330 15.85 29.53 29.96
CA GLU B 330 16.74 30.35 29.14
C GLU B 330 18.18 30.02 29.54
O1 MES C . -9.75 -31.13 -18.26
C2 MES C . -8.77 -31.99 -17.66
C3 MES C . -7.38 -31.34 -17.84
N4 MES C . -7.10 -31.20 -19.35
C5 MES C . -8.19 -30.35 -19.98
C6 MES C . -9.55 -31.00 -19.70
C7 MES C . -5.74 -30.60 -19.61
C8 MES C . -5.33 -30.69 -21.08
S MES C . -3.72 -30.02 -21.32
O1S MES C . -3.70 -28.63 -20.89
O2S MES C . -3.40 -30.15 -22.75
O3S MES C . -2.86 -30.85 -20.51
S DMS D . 18.04 -9.34 0.68
O DMS D . 19.37 -9.42 1.36
C1 DMS D . 16.95 -8.48 1.75
C2 DMS D . 18.16 -8.26 -0.71
O1 MES E . -11.52 13.64 15.28
C2 MES E . -11.58 13.03 13.97
C3 MES E . -10.15 12.99 13.38
N4 MES E . -9.64 14.42 13.24
C5 MES E . -9.64 15.07 14.63
C6 MES E . -11.07 15.04 15.19
C7 MES E . -8.23 14.42 12.67
C8 MES E . -7.65 15.79 12.43
S MES E . -6.01 15.61 11.76
O1S MES E . -5.23 14.81 12.71
O2S MES E . -5.53 16.97 11.59
O3S MES E . -6.13 14.93 10.48
O1 MES F . -2.50 27.30 22.96
C2 MES F . -2.87 25.94 23.26
C3 MES F . -4.18 25.92 24.07
N4 MES F . -3.92 26.63 25.41
C5 MES F . -3.50 28.08 25.10
C6 MES F . -2.27 28.07 24.18
C7 MES F . -5.15 26.67 26.29
C8 MES F . -5.23 25.42 27.18
S MES F . -6.69 25.45 28.22
O1S MES F . -6.61 26.66 29.04
O2S MES F . -6.67 24.22 29.03
O3S MES F . -7.81 25.51 27.29
S DMS G . 13.11 16.07 5.40
O DMS G . 13.03 15.08 4.29
C1 DMS G . 14.15 15.39 6.65
C2 DMS G . 14.02 17.51 4.89
O1 PG4 H . 11.01 4.69 33.37
C1 PG4 H . 9.97 4.86 34.36
C2 PG4 H . 8.60 5.07 33.69
O2 PG4 H . 8.26 3.82 33.01
C3 PG4 H . 7.01 3.91 32.26
C4 PG4 H . 6.76 2.54 31.60
O3 PG4 H . 7.67 2.41 30.49
C5 PG4 H . 7.85 1.03 30.10
C6 PG4 H . 8.81 1.07 28.92
O4 PG4 H . 8.12 1.54 27.72
C7 PG4 H . 8.99 1.60 26.55
C8 PG4 H . 8.16 2.10 25.35
O5 PG4 H . 6.89 1.39 25.19
#